data_5JC1
#
_entry.id   5JC1
#
_cell.length_a   51.575
_cell.length_b   56.459
_cell.length_c   85.708
_cell.angle_alpha   103.84
_cell.angle_beta   103.25
_cell.angle_gamma   100.15
#
_symmetry.space_group_name_H-M   'P 1'
#
loop_
_entity.id
_entity.type
_entity.pdbx_description
1 polymer '1-deoxy-D-xylulose 5-phosphate reductoisomerase, apicoplastic'
2 non-polymer '[(2R)-2-{2-[hydroxy(methyl)amino]-2-oxoethyl}-5-(3-methoxyphenyl)pentyl]phosphonic acid'
3 non-polymer 'MANGANESE (II) ION'
4 non-polymer GLYCEROL
5 non-polymer 1,2-ETHANEDIOL
6 water water
#
_entity_poly.entity_id   1
_entity_poly.type   'polypeptide(L)'
_entity_poly.pdbx_seq_one_letter_code
;MAHHHHHHKKPINVAIFGSTGSIGTNALNIIRECNKIENVFNVKALYVNKSVNELYEQAREFLPEYLCIHDKSVYEELKE
LVKNIKDYKPIILCGDEGMKEICSSNSIDKIVIGIDSFQGLYSTMYAIMNNKIVALANKESIVSAGFFLKKLLNIHKNAK
IIPVDSEHSAIFQCLDNNKVLKTKCLQDNFSKINNINKIFLCSSGGPFQNLTMDELKNVTSENALKHPKWKMGKKITIDS
ATMMNKGLEVIETHFLFDVDYNDIEVIVHKECIIHSCVEFIDKSVISQMYYPDMQIPILYSLTWPDRIKTNLKPLDLAQV
STLTFHKPSLEHFPCIKLAYQAGIKGNFYPTVLNASNEIANNLFLNNKIKYFDISSIISQVLESFNSQKVSENSEDLMKQ
ILQIHSWAKDKATDIYNKHNSS
;
_entity_poly.pdbx_strand_id   A,B
#
loop_
_chem_comp.id
_chem_comp.type
_chem_comp.name
_chem_comp.formula
6JB non-polymer '[(2R)-2-{2-[hydroxy(methyl)amino]-2-oxoethyl}-5-(3-methoxyphenyl)pentyl]phosphonic acid' 'C15 H24 N O6 P'
EDO non-polymer 1,2-ETHANEDIOL 'C2 H6 O2'
GOL non-polymer GLYCEROL 'C3 H8 O3'
MN non-polymer 'MANGANESE (II) ION' 'Mn 2'
#
# COMPACT_ATOMS: atom_id res chain seq x y z
N PRO A 11 11.97 11.24 21.62
CA PRO A 11 10.86 10.97 22.54
C PRO A 11 9.59 11.74 22.16
N ILE A 12 8.52 11.01 21.85
CA ILE A 12 7.27 11.61 21.37
C ILE A 12 6.39 11.98 22.56
N ASN A 13 6.13 13.29 22.71
CA ASN A 13 5.36 13.82 23.82
C ASN A 13 3.89 13.93 23.45
N VAL A 14 3.03 13.14 24.11
N VAL A 14 3.05 13.14 24.12
CA VAL A 14 1.63 13.00 23.71
CA VAL A 14 1.63 12.99 23.74
C VAL A 14 0.63 13.33 24.81
C VAL A 14 0.69 13.43 24.84
N ALA A 15 -0.44 14.02 24.43
CA ALA A 15 -1.59 14.26 25.31
C ALA A 15 -2.75 13.41 24.83
N ILE A 16 -3.51 12.84 25.76
CA ILE A 16 -4.70 12.04 25.44
C ILE A 16 -5.94 12.73 26.00
N PHE A 17 -6.82 13.20 25.10
CA PHE A 17 -8.06 13.88 25.49
C PHE A 17 -9.22 12.88 25.43
N GLY A 18 -9.84 12.61 26.57
CA GLY A 18 -10.81 11.51 26.71
C GLY A 18 -10.10 10.18 26.97
N SER A 19 -9.21 10.15 27.95
CA SER A 19 -8.33 8.99 28.16
C SER A 19 -9.01 7.72 28.68
N THR A 20 -10.25 7.83 29.20
CA THR A 20 -11.00 6.65 29.68
C THR A 20 -12.05 6.18 28.69
N GLY A 21 -12.17 6.86 27.55
CA GLY A 21 -12.99 6.38 26.44
C GLY A 21 -12.29 5.30 25.63
N SER A 22 -12.97 4.81 24.60
CA SER A 22 -12.47 3.71 23.80
C SER A 22 -11.14 4.05 23.07
N ILE A 23 -11.10 5.21 22.42
CA ILE A 23 -9.89 5.63 21.70
C ILE A 23 -8.74 5.85 22.68
N GLY A 24 -9.04 6.54 23.78
CA GLY A 24 -8.04 6.86 24.80
C GLY A 24 -7.41 5.66 25.45
N THR A 25 -8.23 4.66 25.79
CA THR A 25 -7.72 3.45 26.43
C THR A 25 -6.95 2.57 25.44
N ASN A 26 -7.39 2.51 24.18
CA ASN A 26 -6.62 1.84 23.13
C ASN A 26 -5.27 2.53 22.87
N ALA A 27 -5.26 3.87 22.90
CA ALA A 27 -4.03 4.66 22.76
C ALA A 27 -3.03 4.36 23.89
N LEU A 28 -3.51 4.37 25.13
CA LEU A 28 -2.64 4.07 26.27
C LEU A 28 -2.15 2.63 26.24
N ASN A 29 -2.98 1.70 25.78
CA ASN A 29 -2.57 0.29 25.67
C ASN A 29 -1.42 0.08 24.66
N ILE A 30 -1.53 0.69 23.49
CA ILE A 30 -0.48 0.52 22.48
C ILE A 30 0.78 1.29 22.87
N ILE A 31 0.62 2.45 23.51
CA ILE A 31 1.74 3.19 24.08
C ILE A 31 2.51 2.33 25.12
N ARG A 32 1.78 1.73 26.05
CA ARG A 32 2.37 0.83 27.05
C ARG A 32 3.17 -0.27 26.37
N GLU A 33 2.54 -0.97 25.44
CA GLU A 33 3.18 -2.12 24.80
C GLU A 33 4.41 -1.73 24.00
N CYS A 34 4.32 -0.64 23.23
CA CYS A 34 5.48 -0.13 22.48
C CYS A 34 6.61 0.34 23.38
N ASN A 35 6.27 0.96 24.51
CA ASN A 35 7.27 1.43 25.47
C ASN A 35 8.03 0.30 26.15
N LYS A 36 7.41 -0.86 26.28
CA LYS A 36 8.11 -2.07 26.76
C LYS A 36 9.26 -2.50 25.84
N ILE A 37 9.08 -2.28 24.54
CA ILE A 37 10.08 -2.64 23.52
C ILE A 37 11.18 -1.60 23.40
N GLU A 38 10.79 -0.33 23.42
CA GLU A 38 11.75 0.78 23.38
C GLU A 38 11.05 2.02 23.92
N ASN A 39 11.74 2.81 24.72
CA ASN A 39 11.14 4.02 25.30
C ASN A 39 10.94 5.09 24.22
N VAL A 40 9.74 5.14 23.68
CA VAL A 40 9.40 6.00 22.54
C VAL A 40 8.50 7.16 22.97
N PHE A 41 7.52 6.87 23.82
CA PHE A 41 6.47 7.82 24.16
C PHE A 41 6.59 8.36 25.57
N ASN A 42 6.37 9.65 25.72
CA ASN A 42 6.15 10.27 27.00
C ASN A 42 4.70 10.74 27.02
N VAL A 43 3.89 10.16 27.91
CA VAL A 43 2.51 10.59 28.10
C VAL A 43 2.51 11.84 29.00
N LYS A 44 2.32 13.02 28.39
CA LYS A 44 2.44 14.31 29.10
C LYS A 44 1.17 14.82 29.74
N ALA A 45 0.01 14.38 29.26
CA ALA A 45 -1.25 14.88 29.77
C ALA A 45 -2.37 13.90 29.56
N LEU A 46 -3.26 13.83 30.54
CA LEU A 46 -4.46 13.03 30.48
C LEU A 46 -5.64 13.92 30.85
N TYR A 47 -6.71 13.83 30.06
CA TYR A 47 -7.91 14.65 30.24
C TYR A 47 -9.14 13.76 30.17
N VAL A 48 -10.01 13.86 31.16
CA VAL A 48 -11.27 13.07 31.23
C VAL A 48 -12.45 13.96 31.64
N ASN A 49 -13.66 13.44 31.52
CA ASN A 49 -14.86 14.17 31.95
C ASN A 49 -15.00 14.16 33.49
N LYS A 50 -15.32 12.98 34.05
CA LYS A 50 -15.58 12.84 35.50
C LYS A 50 -15.05 11.56 36.19
N SER A 51 -14.29 10.73 35.47
CA SER A 51 -13.87 9.41 35.94
C SER A 51 -12.59 9.49 36.78
N VAL A 52 -12.72 10.04 37.99
CA VAL A 52 -11.59 10.32 38.89
C VAL A 52 -10.71 9.11 39.25
N ASN A 53 -11.35 7.98 39.57
CA ASN A 53 -10.60 6.78 39.98
C ASN A 53 -9.83 6.21 38.80
N GLU A 54 -10.47 6.16 37.64
CA GLU A 54 -9.86 5.65 36.41
C GLU A 54 -8.69 6.54 36.01
N LEU A 55 -8.87 7.86 36.08
CA LEU A 55 -7.79 8.81 35.83
C LEU A 55 -6.64 8.68 36.84
N TYR A 56 -6.99 8.51 38.12
CA TYR A 56 -5.97 8.26 39.17
C TYR A 56 -5.12 7.03 38.82
N GLU A 57 -5.77 5.94 38.44
CA GLU A 57 -5.06 4.70 38.08
C GLU A 57 -4.14 4.90 36.87
N GLN A 58 -4.62 5.64 35.86
CA GLN A 58 -3.79 5.97 34.69
C GLN A 58 -2.61 6.86 35.08
N ALA A 59 -2.87 7.84 35.94
CA ALA A 59 -1.82 8.73 36.43
C ALA A 59 -0.72 7.97 37.22
N ARG A 60 -1.11 6.96 37.99
CA ARG A 60 -0.14 6.14 38.74
C ARG A 60 0.81 5.37 37.82
N GLU A 61 0.29 4.92 36.69
CA GLU A 61 1.11 4.21 35.70
C GLU A 61 1.96 5.14 34.83
N PHE A 62 1.32 6.13 34.20
CA PHE A 62 1.97 6.94 33.16
C PHE A 62 2.66 8.21 33.69
N LEU A 63 2.29 8.64 34.89
CA LEU A 63 2.92 9.78 35.58
C LEU A 63 3.00 11.04 34.70
N PRO A 64 1.87 11.45 34.13
CA PRO A 64 1.90 12.65 33.27
C PRO A 64 2.16 13.95 34.03
N GLU A 65 2.80 14.89 33.36
CA GLU A 65 3.01 16.23 33.89
C GLU A 65 1.70 16.96 34.20
N TYR A 66 0.67 16.73 33.37
CA TYR A 66 -0.67 17.34 33.54
C TYR A 66 -1.78 16.32 33.76
N LEU A 67 -2.70 16.63 34.67
CA LEU A 67 -3.98 15.94 34.79
C LEU A 67 -5.07 16.98 34.69
N CYS A 68 -6.15 16.65 34.00
CA CYS A 68 -7.28 17.55 33.87
C CYS A 68 -8.58 16.78 33.90
N ILE A 69 -9.59 17.39 34.49
CA ILE A 69 -10.89 16.77 34.64
C ILE A 69 -11.98 17.83 34.46
N HIS A 70 -12.96 17.56 33.60
CA HIS A 70 -13.96 18.58 33.25
C HIS A 70 -14.86 18.92 34.45
N ASP A 71 -15.46 17.90 35.04
CA ASP A 71 -16.40 18.05 36.15
C ASP A 71 -15.69 18.55 37.41
N LYS A 72 -16.06 19.75 37.85
CA LYS A 72 -15.38 20.44 38.96
C LYS A 72 -15.72 19.88 40.35
N SER A 73 -16.86 19.18 40.48
CA SER A 73 -17.27 18.60 41.77
C SER A 73 -16.42 17.40 42.22
N VAL A 74 -15.66 16.80 41.30
CA VAL A 74 -14.71 15.73 41.63
C VAL A 74 -13.23 16.18 41.51
N TYR A 75 -13.01 17.50 41.45
CA TYR A 75 -11.67 18.07 41.27
C TYR A 75 -10.79 17.90 42.52
N GLU A 76 -11.37 18.17 43.69
CA GLU A 76 -10.63 18.08 44.95
C GLU A 76 -10.35 16.61 45.31
N GLU A 77 -11.31 15.73 45.00
CA GLU A 77 -11.14 14.28 45.13
C GLU A 77 -9.89 13.80 44.37
N LEU A 78 -9.70 14.33 43.15
CA LEU A 78 -8.53 14.00 42.33
C LEU A 78 -7.22 14.46 42.98
N LYS A 79 -7.20 15.70 43.48
CA LYS A 79 -6.03 16.26 44.18
C LYS A 79 -5.58 15.36 45.35
N GLU A 80 -6.56 14.85 46.09
CA GLU A 80 -6.28 14.03 47.28
C GLU A 80 -5.77 12.64 46.90
N LEU A 81 -6.39 12.03 45.89
CA LEU A 81 -5.97 10.74 45.36
C LEU A 81 -4.51 10.71 44.92
N VAL A 82 -4.07 11.73 44.18
CA VAL A 82 -2.70 11.75 43.61
C VAL A 82 -1.59 11.95 44.65
N LYS A 83 -1.94 12.41 45.86
CA LYS A 83 -0.99 12.45 46.98
C LYS A 83 -0.44 11.06 47.36
N ASN A 84 -1.17 10.00 47.04
CA ASN A 84 -0.71 8.60 47.23
C ASN A 84 0.39 8.12 46.29
N ILE A 85 0.71 8.89 45.24
CA ILE A 85 1.70 8.48 44.24
C ILE A 85 3.09 9.00 44.62
N LYS A 86 4.03 8.06 44.76
CA LYS A 86 5.40 8.36 45.19
C LYS A 86 6.16 9.17 44.14
N ASP A 87 6.96 10.14 44.59
CA ASP A 87 7.86 10.95 43.73
C ASP A 87 7.17 11.56 42.50
N TYR A 88 6.02 12.19 42.72
CA TYR A 88 5.16 12.67 41.63
C TYR A 88 4.41 13.94 42.02
N LYS A 89 4.64 15.03 41.26
CA LYS A 89 3.98 16.33 41.54
C LYS A 89 3.41 16.92 40.24
N PRO A 90 2.22 16.45 39.83
CA PRO A 90 1.62 16.92 38.58
C PRO A 90 0.90 18.25 38.71
N ILE A 91 0.73 18.92 37.57
CA ILE A 91 -0.11 20.11 37.46
C ILE A 91 -1.54 19.62 37.27
N ILE A 92 -2.41 19.89 38.24
CA ILE A 92 -3.77 19.33 38.26
C ILE A 92 -4.76 20.45 37.95
N LEU A 93 -5.50 20.30 36.84
CA LEU A 93 -6.32 21.36 36.25
C LEU A 93 -7.76 20.89 36.08
N CYS A 94 -8.65 21.80 35.68
N CYS A 94 -8.64 21.81 35.68
CA CYS A 94 -10.05 21.46 35.50
CA CYS A 94 -10.08 21.52 35.56
C CYS A 94 -10.73 22.29 34.42
C CYS A 94 -10.73 22.30 34.42
N GLY A 95 -11.78 21.72 33.83
CA GLY A 95 -12.61 22.41 32.83
C GLY A 95 -12.00 22.71 31.47
N ASP A 96 -12.63 23.62 30.74
CA ASP A 96 -12.13 24.15 29.46
C ASP A 96 -10.80 24.91 29.63
N GLU A 97 -10.65 25.65 30.71
CA GLU A 97 -9.39 26.38 30.98
C GLU A 97 -8.20 25.44 31.17
N GLY A 98 -8.42 24.27 31.77
CA GLY A 98 -7.39 23.24 31.88
C GLY A 98 -6.99 22.69 30.52
N MET A 99 -7.99 22.35 29.72
CA MET A 99 -7.80 21.90 28.34
C MET A 99 -6.95 22.91 27.53
N LYS A 100 -7.30 24.19 27.61
CA LYS A 100 -6.54 25.25 26.91
C LYS A 100 -5.10 25.35 27.38
N GLU A 101 -4.87 25.22 28.68
CA GLU A 101 -3.50 25.23 29.21
C GLU A 101 -2.69 24.03 28.69
N ILE A 102 -3.31 22.86 28.61
CA ILE A 102 -2.63 21.67 28.07
C ILE A 102 -2.20 21.90 26.60
N CYS A 103 -3.14 22.34 25.76
CA CYS A 103 -2.85 22.63 24.34
C CYS A 103 -1.74 23.67 24.12
N SER A 104 -1.65 24.64 25.02
CA SER A 104 -0.63 25.70 24.91
C SER A 104 0.75 25.31 25.45
N SER A 105 0.82 24.21 26.21
CA SER A 105 2.08 23.75 26.77
C SER A 105 3.11 23.44 25.68
N ASN A 106 4.34 23.96 25.85
CA ASN A 106 5.44 23.65 24.93
C ASN A 106 6.00 22.23 25.12
N SER A 107 5.62 21.52 26.18
CA SER A 107 6.09 20.15 26.39
C SER A 107 5.26 19.09 25.64
N ILE A 108 4.22 19.51 24.92
CA ILE A 108 3.33 18.59 24.19
C ILE A 108 3.46 18.78 22.68
N ASP A 109 3.68 17.68 21.97
CA ASP A 109 3.82 17.68 20.50
C ASP A 109 2.56 17.21 19.78
N LYS A 110 1.94 16.16 20.30
CA LYS A 110 0.83 15.50 19.62
C LYS A 110 -0.33 15.32 20.59
N ILE A 111 -1.54 15.51 20.08
CA ILE A 111 -2.74 15.40 20.90
C ILE A 111 -3.72 14.44 20.24
N VAL A 112 -4.09 13.38 20.97
CA VAL A 112 -5.12 12.45 20.56
C VAL A 112 -6.47 12.98 21.03
N ILE A 113 -7.38 13.24 20.10
CA ILE A 113 -8.72 13.73 20.43
C ILE A 113 -9.70 12.55 20.43
N GLY A 114 -9.96 12.05 21.63
CA GLY A 114 -10.87 10.93 21.84
C GLY A 114 -12.19 11.34 22.50
N ILE A 115 -12.65 12.57 22.25
CA ILE A 115 -13.92 13.08 22.79
C ILE A 115 -14.90 13.30 21.64
N ASP A 116 -16.19 13.14 21.92
CA ASP A 116 -17.27 13.33 20.93
C ASP A 116 -17.94 14.71 21.05
N SER A 117 -18.85 14.99 20.11
CA SER A 117 -19.73 16.18 20.17
C SER A 117 -18.95 17.52 20.14
N PHE A 118 -19.35 18.52 20.96
CA PHE A 118 -18.74 19.86 20.90
C PHE A 118 -17.33 19.91 21.51
N GLN A 119 -17.15 19.27 22.66
CA GLN A 119 -15.86 19.33 23.36
C GLN A 119 -14.72 18.73 22.52
N GLY A 120 -15.05 17.77 21.66
CA GLY A 120 -14.14 17.26 20.64
C GLY A 120 -13.70 18.36 19.70
N LEU A 121 -14.66 19.06 19.10
CA LEU A 121 -14.38 20.18 18.18
C LEU A 121 -13.66 21.35 18.88
N TYR A 122 -14.10 21.68 20.08
CA TYR A 122 -13.50 22.78 20.84
C TYR A 122 -12.04 22.51 21.18
N SER A 123 -11.73 21.28 21.64
CA SER A 123 -10.34 20.92 21.94
C SER A 123 -9.48 20.82 20.66
N THR A 124 -10.06 20.30 19.57
CA THR A 124 -9.38 20.27 18.27
C THR A 124 -8.97 21.69 17.82
N MET A 125 -9.93 22.61 17.92
CA MET A 125 -9.69 24.03 17.63
C MET A 125 -8.47 24.55 18.40
N TYR A 126 -8.44 24.29 19.70
CA TYR A 126 -7.33 24.78 20.53
C TYR A 126 -5.98 24.11 20.22
N ALA A 127 -6.00 22.81 19.91
CA ALA A 127 -4.79 22.13 19.48
C ALA A 127 -4.24 22.72 18.17
N ILE A 128 -5.13 23.01 17.22
CA ILE A 128 -4.71 23.61 15.94
C ILE A 128 -4.16 25.03 16.15
N MET A 129 -4.83 25.82 16.98
CA MET A 129 -4.37 27.18 17.29
C MET A 129 -2.95 27.21 17.89
N ASN A 130 -2.59 26.14 18.60
CA ASN A 130 -1.24 26.00 19.18
C ASN A 130 -0.27 25.19 18.30
N ASN A 131 -0.61 25.02 17.03
CA ASN A 131 0.25 24.41 16.02
C ASN A 131 0.70 22.99 16.31
N LYS A 132 -0.18 22.21 16.92
CA LYS A 132 0.13 20.83 17.28
C LYS A 132 -0.24 19.88 16.17
N ILE A 133 0.27 18.66 16.29
CA ILE A 133 -0.24 17.53 15.51
C ILE A 133 -1.47 17.00 16.25
N VAL A 134 -2.58 16.88 15.53
CA VAL A 134 -3.85 16.48 16.10
C VAL A 134 -4.24 15.13 15.51
N ALA A 135 -4.19 14.10 16.34
CA ALA A 135 -4.63 12.76 15.95
C ALA A 135 -6.14 12.68 16.20
N LEU A 136 -6.92 12.82 15.13
CA LEU A 136 -8.36 13.06 15.26
C LEU A 136 -9.20 11.84 14.91
N ALA A 137 -9.93 11.36 15.90
CA ALA A 137 -10.81 10.20 15.76
C ALA A 137 -12.29 10.59 15.55
N ASN A 138 -12.67 11.81 15.93
CA ASN A 138 -14.07 12.29 15.84
C ASN A 138 -14.45 12.69 14.41
N LYS A 139 -15.04 11.76 13.66
CA LYS A 139 -15.45 12.00 12.27
C LYS A 139 -16.55 13.04 12.13
N GLU A 140 -17.46 13.10 13.11
CA GLU A 140 -18.58 14.05 13.07
C GLU A 140 -18.10 15.50 13.03
N SER A 141 -17.01 15.81 13.73
CA SER A 141 -16.42 17.16 13.69
C SER A 141 -15.90 17.56 12.30
N ILE A 142 -15.31 16.60 11.56
CA ILE A 142 -14.84 16.85 10.18
C ILE A 142 -16.04 17.04 9.24
N VAL A 143 -17.05 16.20 9.38
CA VAL A 143 -18.25 16.29 8.55
C VAL A 143 -19.01 17.61 8.80
N SER A 144 -19.19 17.94 10.07
CA SER A 144 -19.99 19.12 10.43
C SER A 144 -19.23 20.42 10.24
N ALA A 145 -17.94 20.43 10.56
CA ALA A 145 -17.17 21.68 10.63
C ALA A 145 -15.96 21.69 9.72
N GLY A 146 -15.99 20.86 8.68
CA GLY A 146 -14.90 20.77 7.71
C GLY A 146 -14.41 22.11 7.17
N PHE A 147 -15.34 23.01 6.83
CA PHE A 147 -14.99 24.35 6.34
C PHE A 147 -14.16 25.14 7.37
N PHE A 148 -14.57 25.05 8.63
CA PHE A 148 -13.92 25.77 9.73
C PHE A 148 -12.53 25.20 9.98
N LEU A 149 -12.41 23.86 10.05
CA LEU A 149 -11.09 23.23 10.27
C LEU A 149 -10.14 23.54 9.13
N LYS A 150 -10.64 23.52 7.91
CA LYS A 150 -9.84 23.87 6.73
C LYS A 150 -9.26 25.30 6.81
N LYS A 151 -10.11 26.25 7.17
CA LYS A 151 -9.67 27.63 7.35
C LYS A 151 -8.63 27.78 8.47
N LEU A 152 -8.89 27.12 9.59
CA LEU A 152 -7.99 27.18 10.74
C LEU A 152 -6.61 26.59 10.38
N LEU A 153 -6.62 25.49 9.63
CA LEU A 153 -5.36 24.86 9.17
C LEU A 153 -4.57 25.71 8.16
N ASN A 154 -5.26 26.55 7.38
CA ASN A 154 -4.61 27.50 6.47
C ASN A 154 -3.92 28.64 7.21
N ILE A 155 -4.49 29.04 8.34
CA ILE A 155 -3.94 30.08 9.20
C ILE A 155 -2.77 29.54 10.05
N HIS A 156 -2.96 28.39 10.66
CA HIS A 156 -1.95 27.80 11.57
C HIS A 156 -1.18 26.75 10.78
N LYS A 157 -0.13 27.23 10.11
CA LYS A 157 0.52 26.46 9.05
C LYS A 157 1.22 25.22 9.53
N ASN A 158 1.72 25.22 10.76
CA ASN A 158 2.39 24.06 11.30
C ASN A 158 1.46 23.07 11.97
N ALA A 159 0.18 23.42 12.14
CA ALA A 159 -0.80 22.47 12.69
C ALA A 159 -1.10 21.42 11.63
N LYS A 160 -1.38 20.19 12.09
CA LYS A 160 -1.76 19.09 11.20
C LYS A 160 -2.82 18.22 11.85
N ILE A 161 -3.81 17.81 11.05
CA ILE A 161 -4.75 16.77 11.44
C ILE A 161 -4.22 15.47 10.83
N ILE A 162 -4.06 14.44 11.65
CA ILE A 162 -3.70 13.11 11.20
C ILE A 162 -4.90 12.20 11.49
N PRO A 163 -5.43 11.49 10.46
CA PRO A 163 -6.65 10.73 10.67
C PRO A 163 -6.46 9.46 11.49
N VAL A 164 -7.38 9.23 12.43
CA VAL A 164 -7.39 8.02 13.25
C VAL A 164 -8.51 7.05 12.84
N ASP A 165 -9.63 7.57 12.33
CA ASP A 165 -10.71 6.73 11.78
C ASP A 165 -10.05 5.67 10.88
N SER A 166 -10.37 4.39 11.09
CA SER A 166 -9.57 3.28 10.55
C SER A 166 -9.43 3.30 9.02
N GLU A 167 -10.50 3.64 8.31
CA GLU A 167 -10.47 3.65 6.85
C GLU A 167 -9.59 4.80 6.37
N HIS A 168 -9.61 5.90 7.09
CA HIS A 168 -8.91 7.12 6.69
C HIS A 168 -7.44 7.00 7.06
N SER A 169 -7.17 6.34 8.19
CA SER A 169 -5.79 5.92 8.51
C SER A 169 -5.25 4.99 7.42
N ALA A 170 -6.08 4.05 6.98
CA ALA A 170 -5.66 3.13 5.93
C ALA A 170 -5.27 3.89 4.64
N ILE A 171 -6.14 4.80 4.21
CA ILE A 171 -5.88 5.65 3.03
C ILE A 171 -4.55 6.40 3.22
N PHE A 172 -4.39 7.03 4.39
CA PHE A 172 -3.20 7.81 4.70
C PHE A 172 -1.92 6.95 4.64
N GLN A 173 -2.00 5.73 5.17
CA GLN A 173 -0.90 4.75 5.12
C GLN A 173 -0.56 4.26 3.70
N CYS A 174 -1.50 4.37 2.77
CA CYS A 174 -1.27 4.00 1.37
C CYS A 174 -0.58 5.09 0.55
N LEU A 175 -0.33 6.25 1.15
CA LEU A 175 0.25 7.38 0.45
C LEU A 175 1.75 7.47 0.68
N ASP A 176 2.44 7.99 -0.32
CA ASP A 176 3.89 8.17 -0.31
C ASP A 176 4.22 9.40 0.51
N ASN A 177 4.90 9.21 1.65
CA ASN A 177 5.24 10.35 2.52
C ASN A 177 6.19 11.36 1.89
N ASN A 178 6.92 10.97 0.86
CA ASN A 178 7.67 11.94 0.06
C ASN A 178 6.73 12.99 -0.59
N LYS A 179 5.49 12.58 -0.91
CA LYS A 179 4.44 13.52 -1.38
C LYS A 179 3.65 14.16 -0.26
N VAL A 180 3.25 13.35 0.74
CA VAL A 180 2.46 13.85 1.87
C VAL A 180 3.13 15.02 2.56
N LEU A 181 4.44 14.89 2.77
CA LEU A 181 5.22 15.93 3.42
C LEU A 181 5.27 17.27 2.67
N LYS A 182 4.88 17.29 1.39
CA LYS A 182 4.73 18.54 0.62
C LYS A 182 3.38 19.25 0.83
N THR A 183 2.47 18.62 1.56
CA THR A 183 1.12 19.16 1.76
C THR A 183 0.69 18.74 3.19
N LYS A 184 -0.62 18.68 3.44
CA LYS A 184 -1.15 18.13 4.70
C LYS A 184 -2.64 17.89 4.53
N CYS A 185 -3.21 17.04 5.39
CA CYS A 185 -4.64 16.75 5.30
C CYS A 185 -5.50 18.02 5.41
N LEU A 186 -6.65 17.97 4.77
CA LEU A 186 -7.61 19.07 4.70
C LEU A 186 -7.09 20.30 3.92
N GLN A 187 -6.11 20.11 3.04
CA GLN A 187 -5.60 21.18 2.18
C GLN A 187 -6.16 21.00 0.80
N ASP A 188 -6.53 22.11 0.17
CA ASP A 188 -6.78 22.10 -1.27
C ASP A 188 -5.56 21.53 -1.98
N ASN A 189 -5.82 20.71 -3.00
CA ASN A 189 -4.81 20.09 -3.88
C ASN A 189 -4.07 18.89 -3.28
N PHE A 190 -4.53 18.40 -2.13
CA PHE A 190 -3.94 17.22 -1.49
C PHE A 190 -3.90 16.02 -2.45
N SER A 191 -5.02 15.77 -3.14
N SER A 191 -5.02 15.77 -3.14
CA SER A 191 -5.11 14.62 -4.04
CA SER A 191 -5.10 14.62 -4.04
C SER A 191 -4.20 14.77 -5.24
C SER A 191 -4.18 14.77 -5.24
N LYS A 192 -4.15 15.98 -5.81
CA LYS A 192 -3.23 16.28 -6.92
C LYS A 192 -1.76 16.03 -6.56
N ILE A 193 -1.33 16.54 -5.42
CA ILE A 193 0.04 16.39 -4.97
C ILE A 193 0.39 14.91 -4.73
N ASN A 194 -0.57 14.15 -4.21
CA ASN A 194 -0.35 12.73 -3.92
C ASN A 194 -0.69 11.77 -5.07
N ASN A 195 -1.03 12.30 -6.26
CA ASN A 195 -1.36 11.48 -7.44
C ASN A 195 -2.57 10.55 -7.21
N ILE A 196 -3.50 10.95 -6.36
CA ILE A 196 -4.68 10.14 -6.05
C ILE A 196 -5.72 10.31 -7.15
N ASN A 197 -6.21 9.18 -7.67
CA ASN A 197 -7.27 9.18 -8.66
C ASN A 197 -8.65 8.89 -8.05
N LYS A 198 -8.70 7.92 -7.14
CA LYS A 198 -9.96 7.36 -6.69
C LYS A 198 -9.74 6.58 -5.39
N ILE A 199 -10.78 6.50 -4.56
CA ILE A 199 -10.74 5.82 -3.25
C ILE A 199 -11.78 4.71 -3.19
N PHE A 200 -11.35 3.52 -2.77
CA PHE A 200 -12.22 2.44 -2.34
C PHE A 200 -12.35 2.53 -0.82
N LEU A 201 -13.54 2.90 -0.34
CA LEU A 201 -13.80 3.09 1.09
C LEU A 201 -14.50 1.84 1.61
N CYS A 202 -13.77 1.01 2.35
CA CYS A 202 -14.29 -0.30 2.78
C CYS A 202 -15.28 -0.19 3.94
N SER A 203 -16.32 -1.02 3.88
CA SER A 203 -17.35 -1.11 4.91
C SER A 203 -17.54 -2.56 5.30
N SER A 204 -17.74 -2.80 6.59
CA SER A 204 -18.12 -4.12 7.07
C SER A 204 -19.47 -4.53 6.49
N GLY A 205 -20.32 -3.53 6.23
CA GLY A 205 -21.69 -3.77 5.77
C GLY A 205 -22.72 -3.85 6.89
N GLY A 206 -22.27 -4.02 8.13
CA GLY A 206 -23.17 -4.12 9.27
C GLY A 206 -23.93 -5.44 9.28
N PRO A 207 -24.88 -5.57 10.23
CA PRO A 207 -25.59 -6.84 10.41
C PRO A 207 -26.77 -7.11 9.43
N PHE A 208 -27.08 -6.15 8.55
CA PHE A 208 -28.30 -6.23 7.70
C PHE A 208 -28.09 -6.39 6.19
N GLN A 209 -26.90 -6.74 5.70
CA GLN A 209 -26.64 -6.86 4.25
C GLN A 209 -27.48 -7.86 3.46
N ASN A 210 -27.90 -8.93 4.11
CA ASN A 210 -28.65 -9.97 3.43
C ASN A 210 -30.16 -9.79 3.61
N LEU A 211 -30.59 -8.74 4.31
CA LEU A 211 -32.00 -8.54 4.61
C LEU A 211 -32.76 -7.92 3.44
N THR A 212 -34.01 -8.35 3.28
CA THR A 212 -34.87 -7.78 2.26
C THR A 212 -35.40 -6.44 2.75
N MET A 213 -35.99 -5.70 1.82
CA MET A 213 -36.64 -4.41 2.14
C MET A 213 -37.74 -4.61 3.18
N ASP A 214 -38.56 -5.65 3.03
CA ASP A 214 -39.64 -5.92 3.99
C ASP A 214 -39.10 -6.27 5.37
N GLU A 215 -38.01 -7.04 5.45
CA GLU A 215 -37.34 -7.29 6.72
C GLU A 215 -36.73 -6.02 7.30
N LEU A 216 -36.09 -5.20 6.45
CA LEU A 216 -35.53 -3.93 6.92
C LEU A 216 -36.59 -3.01 7.52
N LYS A 217 -37.82 -3.06 7.01
CA LYS A 217 -38.91 -2.24 7.57
C LYS A 217 -39.09 -2.43 9.06
N ASN A 218 -38.89 -3.66 9.56
CA ASN A 218 -39.17 -4.00 10.96
C ASN A 218 -37.96 -4.23 11.88
N VAL A 219 -36.74 -4.02 11.39
CA VAL A 219 -35.58 -4.19 12.28
C VAL A 219 -35.60 -3.18 13.43
N THR A 220 -35.05 -3.58 14.57
CA THR A 220 -35.07 -2.78 15.78
C THR A 220 -33.64 -2.51 16.21
N SER A 221 -33.49 -1.63 17.18
CA SER A 221 -32.17 -1.33 17.73
C SER A 221 -31.58 -2.57 18.41
N GLU A 222 -32.43 -3.42 18.98
CA GLU A 222 -31.95 -4.70 19.54
C GLU A 222 -31.26 -5.56 18.47
N ASN A 223 -31.88 -5.66 17.30
CA ASN A 223 -31.29 -6.40 16.15
C ASN A 223 -29.92 -5.82 15.77
N ALA A 224 -29.83 -4.49 15.74
CA ALA A 224 -28.58 -3.81 15.36
C ALA A 224 -27.47 -3.99 16.40
N LEU A 225 -27.84 -3.98 17.68
CA LEU A 225 -26.88 -4.09 18.78
C LEU A 225 -26.60 -5.54 19.23
N LYS A 226 -27.39 -6.52 18.75
CA LYS A 226 -27.25 -7.92 19.20
C LYS A 226 -25.95 -8.55 18.71
N HIS A 227 -25.31 -9.31 19.59
CA HIS A 227 -24.01 -9.96 19.35
C HIS A 227 -23.14 -9.21 18.33
N PRO A 228 -22.57 -8.07 18.73
CA PRO A 228 -21.71 -7.33 17.80
C PRO A 228 -20.41 -8.09 17.54
N LYS A 229 -19.96 -8.06 16.30
CA LYS A 229 -18.69 -8.70 15.92
C LYS A 229 -17.53 -7.98 16.60
N TRP A 230 -17.57 -6.65 16.59
CA TRP A 230 -16.61 -5.81 17.31
C TRP A 230 -17.39 -4.90 18.24
N LYS A 231 -17.04 -4.96 19.53
CA LYS A 231 -17.78 -4.23 20.54
C LYS A 231 -17.31 -2.77 20.53
N MET A 232 -18.20 -1.91 20.04
CA MET A 232 -17.99 -0.46 19.99
C MET A 232 -19.29 0.21 20.41
N GLY A 233 -19.26 1.54 20.56
CA GLY A 233 -20.37 2.30 21.14
C GLY A 233 -21.70 2.19 20.41
N LYS A 234 -22.78 2.54 21.10
CA LYS A 234 -24.13 2.36 20.55
C LYS A 234 -24.39 3.19 19.30
N LYS A 235 -23.96 4.45 19.32
CA LYS A 235 -24.25 5.38 18.23
C LYS A 235 -23.60 4.89 16.92
N ILE A 236 -22.32 4.54 16.98
CA ILE A 236 -21.62 4.05 15.78
C ILE A 236 -22.16 2.70 15.32
N THR A 237 -22.56 1.85 16.26
CA THR A 237 -23.19 0.56 15.91
C THR A 237 -24.49 0.77 15.13
N ILE A 238 -25.34 1.72 15.55
CA ILE A 238 -26.54 2.05 14.78
C ILE A 238 -26.19 2.61 13.41
N ASP A 239 -25.19 3.50 13.36
CA ASP A 239 -24.73 4.06 12.07
C ASP A 239 -24.17 2.98 11.14
N SER A 240 -23.53 1.96 11.69
CA SER A 240 -23.04 0.83 10.90
C SER A 240 -24.21 0.05 10.32
N ALA A 241 -25.26 -0.11 11.12
CA ALA A 241 -26.45 -0.83 10.68
C ALA A 241 -27.18 -0.16 9.51
N THR A 242 -27.29 1.16 9.56
CA THR A 242 -27.90 1.93 8.47
C THR A 242 -26.94 2.26 7.32
N MET A 243 -25.65 2.00 7.54
CA MET A 243 -24.55 2.47 6.68
C MET A 243 -24.38 3.99 6.64
N MET A 244 -25.07 4.73 7.52
CA MET A 244 -24.77 6.15 7.68
C MET A 244 -23.33 6.35 8.19
N ASN A 245 -22.76 5.36 8.89
CA ASN A 245 -21.37 5.44 9.28
C ASN A 245 -20.49 5.67 8.06
N LYS A 246 -20.70 4.84 7.03
CA LYS A 246 -19.96 4.97 5.78
C LYS A 246 -20.29 6.27 5.04
N GLY A 247 -21.57 6.68 5.07
CA GLY A 247 -22.00 7.97 4.53
C GLY A 247 -21.20 9.14 5.08
N LEU A 248 -21.13 9.21 6.41
CA LEU A 248 -20.30 10.23 7.09
C LEU A 248 -18.85 10.10 6.68
N GLU A 249 -18.36 8.87 6.57
CA GLU A 249 -16.96 8.64 6.19
C GLU A 249 -16.63 9.04 4.74
N VAL A 250 -17.61 9.00 3.84
CA VAL A 250 -17.47 9.53 2.48
C VAL A 250 -17.16 11.02 2.52
N ILE A 251 -17.96 11.76 3.29
CA ILE A 251 -17.72 13.19 3.46
C ILE A 251 -16.38 13.44 4.17
N GLU A 252 -16.05 12.63 5.16
CA GLU A 252 -14.74 12.72 5.83
C GLU A 252 -13.57 12.58 4.83
N THR A 253 -13.69 11.58 3.95
CA THR A 253 -12.72 11.34 2.87
C THR A 253 -12.54 12.57 1.95
N HIS A 254 -13.66 13.12 1.50
CA HIS A 254 -13.65 14.32 0.68
C HIS A 254 -12.87 15.45 1.34
N PHE A 255 -13.17 15.71 2.61
CA PHE A 255 -12.53 16.81 3.33
C PHE A 255 -11.05 16.54 3.65
N LEU A 256 -10.73 15.38 4.20
CA LEU A 256 -9.33 15.05 4.54
C LEU A 256 -8.40 15.05 3.35
N PHE A 257 -8.85 14.48 2.24
CA PHE A 257 -7.96 14.17 1.11
C PHE A 257 -8.27 14.92 -0.21
N ASP A 258 -9.27 15.80 -0.18
CA ASP A 258 -9.69 16.59 -1.33
C ASP A 258 -9.97 15.71 -2.55
N VAL A 259 -10.77 14.66 -2.31
CA VAL A 259 -11.16 13.72 -3.33
C VAL A 259 -12.62 14.04 -3.70
N ASP A 260 -12.89 14.16 -5.00
CA ASP A 260 -14.25 14.42 -5.50
C ASP A 260 -15.19 13.27 -5.12
N TYR A 261 -16.46 13.58 -4.86
CA TYR A 261 -17.44 12.54 -4.47
C TYR A 261 -17.62 11.46 -5.53
N ASN A 262 -17.55 11.84 -6.82
CA ASN A 262 -17.61 10.86 -7.92
C ASN A 262 -16.45 9.88 -7.94
N ASP A 263 -15.36 10.20 -7.23
CA ASP A 263 -14.17 9.35 -7.13
C ASP A 263 -14.05 8.61 -5.79
N ILE A 264 -15.15 8.51 -5.03
CA ILE A 264 -15.18 7.73 -3.80
C ILE A 264 -16.23 6.64 -3.97
N GLU A 265 -15.78 5.39 -3.85
CA GLU A 265 -16.65 4.23 -4.03
C GLU A 265 -16.73 3.47 -2.70
N VAL A 266 -17.94 3.25 -2.20
CA VAL A 266 -18.12 2.44 -1.02
C VAL A 266 -18.15 0.97 -1.45
N ILE A 267 -17.34 0.14 -0.79
CA ILE A 267 -17.29 -1.28 -1.09
C ILE A 267 -17.50 -2.10 0.19
N VAL A 268 -18.41 -3.07 0.14
CA VAL A 268 -18.70 -3.90 1.31
C VAL A 268 -17.68 -5.06 1.35
N HIS A 269 -16.87 -5.07 2.40
CA HIS A 269 -15.84 -6.07 2.61
C HIS A 269 -16.04 -6.66 4.02
N LYS A 270 -16.80 -7.75 4.09
CA LYS A 270 -17.28 -8.24 5.39
C LYS A 270 -16.20 -8.78 6.34
N GLU A 271 -15.04 -9.18 5.80
CA GLU A 271 -13.95 -9.71 6.60
C GLU A 271 -13.20 -8.63 7.39
N CYS A 272 -13.29 -7.38 6.95
CA CYS A 272 -12.63 -6.24 7.61
C CYS A 272 -11.11 -6.45 7.81
N ILE A 273 -10.47 -7.03 6.81
CA ILE A 273 -9.01 -7.15 6.77
C ILE A 273 -8.38 -5.99 5.96
N ILE A 274 -8.81 -5.80 4.71
CA ILE A 274 -8.48 -4.62 3.93
C ILE A 274 -9.29 -3.45 4.48
N HIS A 275 -8.60 -2.42 4.93
CA HIS A 275 -9.30 -1.30 5.60
C HIS A 275 -9.70 -0.13 4.73
N SER A 276 -9.06 -0.03 3.58
CA SER A 276 -9.48 0.79 2.41
C SER A 276 -8.32 0.76 1.39
N CYS A 277 -8.55 1.30 0.19
CA CYS A 277 -7.56 1.26 -0.90
C CYS A 277 -7.54 2.58 -1.67
N VAL A 278 -6.36 2.90 -2.21
CA VAL A 278 -6.18 4.10 -2.99
C VAL A 278 -5.74 3.70 -4.40
N GLU A 279 -6.47 4.22 -5.40
CA GLU A 279 -6.12 4.09 -6.79
C GLU A 279 -5.40 5.37 -7.19
N PHE A 280 -4.17 5.22 -7.68
CA PHE A 280 -3.40 6.34 -8.17
C PHE A 280 -3.65 6.62 -9.65
N ILE A 281 -3.13 7.74 -10.14
CA ILE A 281 -3.43 8.20 -11.51
C ILE A 281 -2.98 7.23 -12.63
N ASP A 282 -2.00 6.37 -12.35
CA ASP A 282 -1.60 5.30 -13.28
C ASP A 282 -2.50 4.05 -13.25
N LYS A 283 -3.46 4.04 -12.31
CA LYS A 283 -4.40 2.95 -12.00
C LYS A 283 -3.84 1.85 -11.11
N SER A 284 -2.61 1.97 -10.64
CA SER A 284 -2.12 1.06 -9.61
C SER A 284 -2.90 1.33 -8.32
N VAL A 285 -3.23 0.26 -7.59
CA VAL A 285 -3.97 0.37 -6.34
C VAL A 285 -3.10 -0.10 -5.16
N ILE A 286 -3.06 0.70 -4.10
CA ILE A 286 -2.40 0.34 -2.86
C ILE A 286 -3.46 0.20 -1.76
N SER A 287 -3.33 -0.82 -0.93
CA SER A 287 -4.26 -1.03 0.17
C SER A 287 -3.50 -1.31 1.46
N GLN A 288 -4.19 -1.08 2.59
CA GLN A 288 -3.67 -1.38 3.89
C GLN A 288 -4.53 -2.44 4.54
N MET A 289 -3.87 -3.38 5.21
CA MET A 289 -4.50 -4.56 5.78
C MET A 289 -3.99 -4.85 7.18
N TYR A 290 -4.92 -5.25 8.07
CA TYR A 290 -4.59 -5.84 9.36
C TYR A 290 -5.89 -6.44 9.95
N TYR A 291 -5.78 -7.24 11.01
CA TYR A 291 -6.98 -7.60 11.80
C TYR A 291 -7.73 -6.33 12.23
N PRO A 292 -9.05 -6.41 12.37
CA PRO A 292 -9.82 -5.24 12.84
C PRO A 292 -9.48 -4.88 14.29
N ASP A 293 -8.66 -3.85 14.48
CA ASP A 293 -8.07 -3.53 15.78
C ASP A 293 -7.67 -2.06 15.67
N MET A 294 -8.15 -1.22 16.58
CA MET A 294 -7.88 0.23 16.50
C MET A 294 -6.46 0.63 16.90
N GLN A 295 -5.65 -0.29 17.44
CA GLN A 295 -4.31 0.08 17.87
C GLN A 295 -3.38 0.51 16.72
N ILE A 296 -3.51 -0.10 15.54
CA ILE A 296 -2.65 0.29 14.39
C ILE A 296 -2.95 1.72 13.91
N PRO A 297 -4.23 2.06 13.64
CA PRO A 297 -4.54 3.44 13.24
C PRO A 297 -4.14 4.49 14.25
N ILE A 298 -4.38 4.21 15.53
CA ILE A 298 -3.93 5.11 16.60
C ILE A 298 -2.41 5.24 16.60
N LEU A 299 -1.71 4.11 16.57
CA LEU A 299 -0.24 4.15 16.63
C LEU A 299 0.36 4.95 15.49
N TYR A 300 -0.12 4.69 14.26
CA TYR A 300 0.40 5.39 13.10
C TYR A 300 0.18 6.90 13.20
N SER A 301 -0.94 7.33 13.79
CA SER A 301 -1.18 8.76 13.96
C SER A 301 -0.12 9.40 14.86
N LEU A 302 0.42 8.63 15.80
CA LEU A 302 1.48 9.11 16.71
C LEU A 302 2.91 8.90 16.23
N THR A 303 3.13 7.93 15.33
CA THR A 303 4.48 7.69 14.78
C THR A 303 4.76 8.33 13.43
N TRP A 304 3.72 8.55 12.63
CA TRP A 304 3.85 9.23 11.32
C TRP A 304 4.83 10.41 11.38
N PRO A 305 5.78 10.52 10.42
CA PRO A 305 5.99 9.72 9.20
C PRO A 305 6.81 8.41 9.35
N ASP A 306 7.09 7.99 10.58
N ASP A 306 7.10 8.00 10.58
CA ASP A 306 7.86 6.75 10.84
CA ASP A 306 7.85 6.78 10.87
C ASP A 306 6.91 5.66 11.34
C ASP A 306 6.89 5.66 11.33
N ARG A 307 7.46 4.47 11.53
CA ARG A 307 6.77 3.35 12.17
C ARG A 307 7.70 2.82 13.25
N ILE A 308 7.14 2.22 14.29
CA ILE A 308 7.93 1.60 15.37
C ILE A 308 7.51 0.16 15.60
N LYS A 309 8.36 -0.59 16.29
CA LYS A 309 8.09 -1.99 16.54
C LYS A 309 6.92 -2.19 17.52
N THR A 310 6.07 -3.18 17.21
CA THR A 310 5.07 -3.68 18.16
C THR A 310 5.21 -5.19 18.30
N ASN A 311 4.49 -5.74 19.30
CA ASN A 311 4.35 -7.18 19.48
C ASN A 311 2.93 -7.64 19.12
N LEU A 312 2.24 -6.92 18.24
CA LEU A 312 0.91 -7.31 17.82
C LEU A 312 0.97 -8.63 17.04
N LYS A 313 -0.12 -9.38 17.10
CA LYS A 313 -0.23 -10.64 16.35
C LYS A 313 -0.05 -10.39 14.83
N PRO A 314 0.89 -11.12 14.18
CA PRO A 314 1.05 -10.95 12.72
C PRO A 314 -0.16 -11.46 11.93
N LEU A 315 -0.55 -10.72 10.90
CA LEU A 315 -1.60 -11.14 9.97
C LEU A 315 -1.23 -12.45 9.27
N ASP A 316 -2.11 -13.44 9.40
CA ASP A 316 -1.90 -14.75 8.78
C ASP A 316 -2.90 -14.87 7.62
N LEU A 317 -2.45 -14.47 6.43
CA LEU A 317 -3.30 -14.44 5.25
C LEU A 317 -3.83 -15.81 4.84
N ALA A 318 -3.00 -16.84 4.96
CA ALA A 318 -3.45 -18.21 4.65
C ALA A 318 -4.60 -18.62 5.57
N GLN A 319 -4.51 -18.28 6.84
CA GLN A 319 -5.59 -18.58 7.80
C GLN A 319 -6.83 -17.77 7.46
N VAL A 320 -6.67 -16.47 7.15
CA VAL A 320 -7.80 -15.64 6.72
C VAL A 320 -8.47 -16.27 5.49
N SER A 321 -7.64 -16.67 4.51
CA SER A 321 -8.05 -17.54 3.39
C SER A 321 -8.81 -16.85 2.24
N THR A 322 -9.87 -16.11 2.58
CA THR A 322 -10.77 -15.52 1.59
C THR A 322 -11.10 -14.08 1.98
N LEU A 323 -11.06 -13.18 0.99
CA LEU A 323 -11.50 -11.80 1.14
C LEU A 323 -12.56 -11.51 0.06
N THR A 324 -13.64 -10.85 0.44
CA THR A 324 -14.76 -10.62 -0.48
C THR A 324 -15.14 -9.14 -0.58
N PHE A 325 -15.71 -8.76 -1.71
CA PHE A 325 -16.08 -7.38 -2.03
C PHE A 325 -17.37 -7.34 -2.83
N HIS A 326 -18.31 -6.47 -2.45
CA HIS A 326 -19.49 -6.23 -3.27
C HIS A 326 -20.01 -4.82 -3.09
N LYS A 327 -20.83 -4.41 -4.05
CA LYS A 327 -21.45 -3.08 -4.03
C LYS A 327 -22.57 -3.04 -2.99
N PRO A 328 -22.72 -1.92 -2.25
CA PRO A 328 -23.86 -1.78 -1.35
C PRO A 328 -25.11 -1.40 -2.15
N SER A 329 -26.28 -1.86 -1.69
CA SER A 329 -27.52 -1.49 -2.33
C SER A 329 -28.04 -0.18 -1.74
N LEU A 330 -28.12 0.86 -2.58
CA LEU A 330 -28.62 2.17 -2.12
C LEU A 330 -30.11 2.17 -1.75
N GLU A 331 -30.89 1.25 -2.32
CA GLU A 331 -32.31 1.08 -1.96
C GLU A 331 -32.44 0.60 -0.52
N HIS A 332 -31.58 -0.35 -0.14
CA HIS A 332 -31.59 -0.96 1.18
C HIS A 332 -30.92 -0.08 2.22
N PHE A 333 -29.94 0.73 1.78
CA PHE A 333 -29.18 1.62 2.67
C PHE A 333 -29.23 3.06 2.16
N PRO A 334 -30.44 3.66 2.16
CA PRO A 334 -30.63 5.01 1.62
C PRO A 334 -29.79 6.11 2.31
N CYS A 335 -29.35 5.87 3.55
CA CYS A 335 -28.47 6.83 4.24
C CYS A 335 -27.18 7.11 3.45
N ILE A 336 -26.68 6.12 2.73
CA ILE A 336 -25.51 6.32 1.87
C ILE A 336 -25.80 7.33 0.76
N LYS A 337 -26.92 7.14 0.07
CA LYS A 337 -27.36 8.07 -0.96
C LYS A 337 -27.52 9.49 -0.42
N LEU A 338 -28.16 9.61 0.75
CA LEU A 338 -28.37 10.94 1.36
C LEU A 338 -27.05 11.65 1.67
N ALA A 339 -26.07 10.89 2.16
CA ALA A 339 -24.73 11.43 2.45
C ALA A 339 -24.03 11.97 1.20
N TYR A 340 -24.05 11.18 0.12
CA TYR A 340 -23.51 11.65 -1.16
C TYR A 340 -24.24 12.91 -1.66
N GLN A 341 -25.57 12.92 -1.56
CA GLN A 341 -26.35 14.07 -2.01
C GLN A 341 -25.99 15.34 -1.25
N ALA A 342 -25.91 15.22 0.08
CA ALA A 342 -25.50 16.33 0.93
C ALA A 342 -24.07 16.80 0.65
N GLY A 343 -23.16 15.84 0.47
CA GLY A 343 -21.78 16.17 0.14
C GLY A 343 -21.65 16.91 -1.18
N ILE A 344 -22.34 16.39 -2.20
CA ILE A 344 -22.30 16.96 -3.54
C ILE A 344 -22.95 18.34 -3.58
N LYS A 345 -24.07 18.51 -2.89
CA LYS A 345 -24.70 19.83 -2.80
C LYS A 345 -23.77 20.81 -2.06
N GLY A 346 -23.00 20.34 -1.09
CA GLY A 346 -21.96 21.13 -0.47
C GLY A 346 -22.55 22.12 0.50
N ASN A 347 -21.97 23.33 0.57
CA ASN A 347 -22.45 24.35 1.51
C ASN A 347 -22.51 23.71 2.93
N PHE A 348 -23.56 23.96 3.73
CA PHE A 348 -23.68 23.36 5.05
C PHE A 348 -24.59 22.14 5.10
N TYR A 349 -24.90 21.57 3.94
CA TYR A 349 -25.69 20.33 3.91
C TYR A 349 -25.06 19.17 4.72
N PRO A 350 -23.72 19.01 4.69
CA PRO A 350 -23.12 18.01 5.59
C PRO A 350 -23.34 18.28 7.09
N THR A 351 -23.32 19.55 7.49
CA THR A 351 -23.66 19.92 8.87
C THR A 351 -25.09 19.46 9.20
N VAL A 352 -25.99 19.70 8.27
CA VAL A 352 -27.42 19.35 8.45
C VAL A 352 -27.59 17.83 8.50
N LEU A 353 -26.94 17.13 7.57
CA LEU A 353 -26.93 15.66 7.56
C LEU A 353 -26.51 15.07 8.90
N ASN A 354 -25.39 15.56 9.42
CA ASN A 354 -24.85 15.05 10.66
C ASN A 354 -25.78 15.31 11.86
N ALA A 355 -26.30 16.53 11.95
CA ALA A 355 -27.16 16.91 13.05
C ALA A 355 -28.48 16.14 13.01
N SER A 356 -29.11 16.04 11.84
CA SER A 356 -30.37 15.31 11.70
C SER A 356 -30.16 13.82 12.01
N ASN A 357 -29.05 13.26 11.55
CA ASN A 357 -28.72 11.87 11.89
C ASN A 357 -28.52 11.66 13.40
N GLU A 358 -27.89 12.60 14.09
CA GLU A 358 -27.72 12.51 15.54
C GLU A 358 -29.07 12.26 16.25
N ILE A 359 -30.08 13.02 15.85
CA ILE A 359 -31.43 12.88 16.40
C ILE A 359 -32.11 11.58 15.94
N ALA A 360 -32.08 11.30 14.63
CA ALA A 360 -32.72 10.09 14.09
C ALA A 360 -32.11 8.80 14.65
N ASN A 361 -30.78 8.72 14.68
CA ASN A 361 -30.04 7.61 15.30
C ASN A 361 -30.54 7.34 16.72
N ASN A 362 -30.60 8.41 17.52
CA ASN A 362 -31.00 8.28 18.93
C ASN A 362 -32.48 7.88 19.10
N LEU A 363 -33.36 8.41 18.26
CA LEU A 363 -34.78 8.00 18.24
C LEU A 363 -34.93 6.51 17.94
N PHE A 364 -34.19 6.02 16.94
CA PHE A 364 -34.19 4.60 16.59
C PHE A 364 -33.62 3.73 17.70
N LEU A 365 -32.50 4.18 18.28
CA LEU A 365 -31.89 3.49 19.42
C LEU A 365 -32.91 3.28 20.55
N ASN A 366 -33.75 4.27 20.79
CA ASN A 366 -34.75 4.22 21.86
C ASN A 366 -36.14 3.70 21.42
N ASN A 367 -36.19 3.01 20.27
CA ASN A 367 -37.42 2.39 19.74
C ASN A 367 -38.58 3.38 19.53
N LYS A 368 -38.26 4.63 19.19
CA LYS A 368 -39.26 5.65 18.90
C LYS A 368 -39.65 5.70 17.43
N ILE A 369 -38.76 5.23 16.54
CA ILE A 369 -39.01 5.26 15.09
C ILE A 369 -38.49 3.97 14.44
N LYS A 370 -38.86 3.78 13.19
CA LYS A 370 -38.46 2.60 12.42
C LYS A 370 -37.23 2.87 11.55
N TYR A 371 -36.62 1.79 11.05
CA TYR A 371 -35.41 1.87 10.22
C TYR A 371 -35.48 2.90 9.09
N PHE A 372 -36.52 2.83 8.26
CA PHE A 372 -36.66 3.76 7.14
C PHE A 372 -37.11 5.16 7.55
N ASP A 373 -37.64 5.31 8.77
CA ASP A 373 -37.89 6.64 9.33
C ASP A 373 -36.60 7.44 9.57
N ILE A 374 -35.48 6.74 9.80
CA ILE A 374 -34.21 7.39 10.01
C ILE A 374 -33.85 8.23 8.77
N SER A 375 -33.81 7.56 7.63
CA SER A 375 -33.55 8.21 6.34
C SER A 375 -34.68 9.16 5.93
N SER A 376 -35.93 8.84 6.27
CA SER A 376 -37.02 9.77 5.95
C SER A 376 -36.85 11.13 6.66
N ILE A 377 -36.55 11.08 7.95
CA ILE A 377 -36.36 12.31 8.73
C ILE A 377 -35.15 13.11 8.22
N ILE A 378 -34.03 12.42 7.97
CA ILE A 378 -32.83 13.10 7.48
C ILE A 378 -33.12 13.79 6.14
N SER A 379 -33.76 13.06 5.23
CA SER A 379 -34.16 13.59 3.94
C SER A 379 -35.01 14.85 4.05
N GLN A 380 -36.01 14.81 4.93
CA GLN A 380 -36.93 15.96 5.09
C GLN A 380 -36.20 17.20 5.63
N VAL A 381 -35.33 17.00 6.62
CA VAL A 381 -34.53 18.09 7.19
C VAL A 381 -33.64 18.68 6.11
N LEU A 382 -32.94 17.83 5.35
CA LEU A 382 -32.12 18.29 4.22
C LEU A 382 -32.94 19.11 3.21
N GLU A 383 -34.15 18.65 2.92
CA GLU A 383 -35.04 19.38 2.01
C GLU A 383 -35.57 20.69 2.61
N SER A 384 -35.57 20.80 3.94
CA SER A 384 -36.00 22.00 4.67
C SER A 384 -34.93 23.08 4.83
N PHE A 385 -33.69 22.80 4.41
CA PHE A 385 -32.56 23.72 4.59
C PHE A 385 -32.33 24.56 3.34
N ASN A 386 -32.05 25.84 3.52
CA ASN A 386 -31.66 26.73 2.44
C ASN A 386 -30.16 27.03 2.56
N SER A 387 -29.45 26.97 1.45
CA SER A 387 -28.02 27.31 1.43
C SER A 387 -27.76 28.70 1.98
N GLN A 388 -26.64 28.86 2.67
CA GLN A 388 -26.27 30.15 3.26
C GLN A 388 -24.94 30.58 2.70
N LYS A 389 -24.74 31.89 2.55
CA LYS A 389 -23.43 32.41 2.19
C LYS A 389 -22.42 32.00 3.27
N VAL A 390 -21.28 31.46 2.86
CA VAL A 390 -20.29 30.94 3.82
C VAL A 390 -19.49 32.11 4.39
N SER A 391 -19.55 32.31 5.71
CA SER A 391 -18.81 33.39 6.37
C SER A 391 -17.31 33.32 6.06
N GLU A 392 -16.74 34.46 5.66
CA GLU A 392 -15.29 34.61 5.47
C GLU A 392 -14.54 34.71 6.80
N ASN A 393 -15.22 35.18 7.83
CA ASN A 393 -14.62 35.40 9.14
C ASN A 393 -14.68 34.11 9.94
N SER A 394 -13.54 33.69 10.48
CA SER A 394 -13.40 32.42 11.22
C SER A 394 -14.36 32.24 12.41
N GLU A 395 -14.54 33.31 13.19
CA GLU A 395 -15.43 33.27 14.33
C GLU A 395 -16.90 33.21 13.90
N ASP A 396 -17.26 34.00 12.88
CA ASP A 396 -18.60 33.98 12.28
C ASP A 396 -18.93 32.60 11.69
N LEU A 397 -17.94 31.99 11.05
CA LEU A 397 -18.09 30.66 10.44
C LEU A 397 -18.39 29.59 11.47
N MET A 398 -17.68 29.59 12.60
N MET A 398 -17.66 29.60 12.60
CA MET A 398 -17.96 28.65 13.68
CA MET A 398 -17.94 28.67 13.71
C MET A 398 -19.38 28.83 14.24
C MET A 398 -19.35 28.84 14.26
N LYS A 399 -19.79 30.09 14.44
CA LYS A 399 -21.16 30.36 14.91
C LYS A 399 -22.22 29.93 13.90
N GLN A 400 -21.93 30.13 12.62
CA GLN A 400 -22.80 29.68 11.54
C GLN A 400 -22.99 28.14 11.59
N ILE A 401 -21.89 27.40 11.74
CA ILE A 401 -21.95 25.95 11.85
C ILE A 401 -22.78 25.52 13.07
N LEU A 402 -22.54 26.16 14.22
CA LEU A 402 -23.27 25.81 15.45
C LEU A 402 -24.76 26.13 15.38
N GLN A 403 -25.11 27.28 14.79
CA GLN A 403 -26.52 27.66 14.57
C GLN A 403 -27.24 26.65 13.68
N ILE A 404 -26.60 26.26 12.58
CA ILE A 404 -27.17 25.31 11.62
C ILE A 404 -27.33 23.91 12.24
N HIS A 405 -26.33 23.49 13.02
CA HIS A 405 -26.38 22.25 13.76
C HIS A 405 -27.59 22.20 14.69
N SER A 406 -27.73 23.26 15.49
N SER A 406 -27.76 23.25 15.49
CA SER A 406 -28.84 23.40 16.42
CA SER A 406 -28.88 23.36 16.42
C SER A 406 -30.20 23.42 15.72
C SER A 406 -30.22 23.40 15.71
N TRP A 407 -30.30 24.19 14.64
CA TRP A 407 -31.52 24.26 13.81
C TRP A 407 -31.95 22.88 13.27
N ALA A 408 -30.97 22.11 12.78
CA ALA A 408 -31.23 20.82 12.15
C ALA A 408 -31.68 19.77 13.16
N LYS A 409 -31.08 19.78 14.35
CA LYS A 409 -31.53 18.90 15.43
C LYS A 409 -32.98 19.22 15.80
N ASP A 410 -33.28 20.51 15.93
CA ASP A 410 -34.65 20.95 16.26
C ASP A 410 -35.66 20.58 15.18
N LYS A 411 -35.29 20.77 13.91
CA LYS A 411 -36.18 20.44 12.80
C LYS A 411 -36.46 18.94 12.78
N ALA A 412 -35.44 18.13 13.02
CA ALA A 412 -35.61 16.67 13.07
C ALA A 412 -36.58 16.29 14.19
N THR A 413 -36.39 16.88 15.37
CA THR A 413 -37.23 16.62 16.53
C THR A 413 -38.69 17.04 16.30
N ASP A 414 -38.89 18.17 15.61
CA ASP A 414 -40.24 18.67 15.27
C ASP A 414 -40.95 17.75 14.30
N ILE A 415 -40.20 17.24 13.31
CA ILE A 415 -40.74 16.24 12.37
C ILE A 415 -41.19 14.99 13.12
N TYR A 416 -40.32 14.45 13.96
CA TYR A 416 -40.70 13.34 14.83
C TYR A 416 -42.00 13.66 15.60
N ASN A 417 -42.00 14.79 16.31
CA ASN A 417 -43.14 15.17 17.18
C ASN A 417 -44.48 15.34 16.45
N LYS A 418 -44.46 15.95 15.27
CA LYS A 418 -45.67 16.10 14.45
C LYS A 418 -46.25 14.76 14.00
N HIS A 419 -45.39 13.87 13.49
CA HIS A 419 -45.83 12.55 13.03
C HIS A 419 -46.21 11.65 14.20
N ASN A 420 -45.60 11.89 15.37
CA ASN A 420 -45.96 11.22 16.61
C ASN A 420 -47.13 11.99 17.24
N PRO B 11 11.53 15.64 -19.29
CA PRO B 11 11.31 14.46 -20.16
C PRO B 11 12.22 13.28 -19.79
N ILE B 12 11.66 12.08 -19.76
CA ILE B 12 12.40 10.88 -19.35
C ILE B 12 13.03 10.19 -20.59
N ASN B 13 14.36 10.16 -20.63
CA ASN B 13 15.10 9.57 -21.73
C ASN B 13 15.39 8.09 -21.45
N VAL B 14 14.82 7.21 -22.28
N VAL B 14 14.82 7.20 -22.27
CA VAL B 14 14.80 5.76 -22.06
CA VAL B 14 14.86 5.76 -22.01
C VAL B 14 15.44 4.98 -23.20
C VAL B 14 15.40 4.95 -23.18
N ALA B 15 16.20 3.94 -22.85
CA ALA B 15 16.66 2.91 -23.78
C ALA B 15 15.94 1.61 -23.44
N ILE B 16 15.54 0.86 -24.46
CA ILE B 16 14.89 -0.44 -24.31
C ILE B 16 15.81 -1.53 -24.89
N PHE B 17 16.29 -2.42 -24.04
CA PHE B 17 17.11 -3.57 -24.44
C PHE B 17 16.23 -4.81 -24.53
N GLY B 18 16.11 -5.37 -25.74
CA GLY B 18 15.20 -6.45 -26.05
C GLY B 18 13.82 -5.90 -26.36
N SER B 19 13.75 -4.93 -27.25
CA SER B 19 12.53 -4.17 -27.49
C SER B 19 11.41 -4.93 -28.21
N THR B 20 11.72 -6.09 -28.81
CA THR B 20 10.69 -6.92 -29.48
C THR B 20 10.29 -8.15 -28.66
N GLY B 21 10.86 -8.33 -27.48
CA GLY B 21 10.39 -9.34 -26.54
C GLY B 21 9.18 -8.87 -25.74
N SER B 22 8.72 -9.70 -24.80
CA SER B 22 7.50 -9.39 -24.05
C SER B 22 7.60 -8.11 -23.21
N ILE B 23 8.69 -7.99 -22.44
CA ILE B 23 8.93 -6.79 -21.64
C ILE B 23 9.07 -5.55 -22.52
N GLY B 24 9.87 -5.64 -23.58
CA GLY B 24 10.08 -4.53 -24.51
C GLY B 24 8.82 -4.01 -25.18
N THR B 25 7.97 -4.93 -25.61
CA THR B 25 6.75 -4.55 -26.32
C THR B 25 5.74 -3.94 -25.35
N ASN B 26 5.61 -4.52 -24.15
CA ASN B 26 4.80 -3.91 -23.08
C ASN B 26 5.30 -2.52 -22.71
N ALA B 27 6.62 -2.34 -22.64
CA ALA B 27 7.21 -1.04 -22.32
C ALA B 27 6.84 0.01 -23.37
N LEU B 28 7.01 -0.34 -24.65
CA LEU B 28 6.69 0.60 -25.71
C LEU B 28 5.19 0.90 -25.80
N ASN B 29 4.35 -0.09 -25.50
CA ASN B 29 2.89 0.13 -25.48
C ASN B 29 2.50 1.16 -24.42
N ILE B 30 3.00 0.99 -23.20
CA ILE B 30 2.63 1.91 -22.12
C ILE B 30 3.26 3.30 -22.31
N ILE B 31 4.47 3.35 -22.85
CA ILE B 31 5.09 4.63 -23.23
C ILE B 31 4.24 5.36 -24.28
N ARG B 32 3.81 4.64 -25.31
CA ARG B 32 2.95 5.22 -26.35
C ARG B 32 1.68 5.79 -25.74
N GLU B 33 0.99 4.99 -24.95
CA GLU B 33 -0.26 5.45 -24.35
C GLU B 33 -0.11 6.62 -23.37
N CYS B 34 0.92 6.57 -22.53
CA CYS B 34 1.21 7.69 -21.63
C CYS B 34 1.58 8.97 -22.37
N ASN B 35 2.34 8.84 -23.46
CA ASN B 35 2.75 10.00 -24.28
C ASN B 35 1.57 10.67 -25.00
N LYS B 36 0.54 9.90 -25.33
CA LYS B 36 -0.70 10.48 -25.86
C LYS B 36 -1.41 11.44 -24.88
N ILE B 37 -1.25 11.18 -23.58
CA ILE B 37 -1.89 11.99 -22.53
C ILE B 37 -1.04 13.23 -22.24
N GLU B 38 0.27 13.03 -22.15
CA GLU B 38 1.23 14.10 -21.91
C GLU B 38 2.59 13.62 -22.39
N ASN B 39 3.33 14.46 -23.10
CA ASN B 39 4.65 14.04 -23.59
C ASN B 39 5.64 13.93 -22.43
N VAL B 40 5.85 12.69 -22.00
CA VAL B 40 6.69 12.37 -20.83
C VAL B 40 8.01 11.68 -21.24
N PHE B 41 7.94 10.78 -22.21
CA PHE B 41 9.05 9.90 -22.54
C PHE B 41 9.66 10.19 -23.90
N ASN B 42 10.99 10.21 -23.96
CA ASN B 42 11.72 10.16 -25.24
CA ASN B 42 11.73 10.16 -25.23
C ASN B 42 12.38 8.80 -25.30
N VAL B 43 12.00 7.99 -26.27
CA VAL B 43 12.64 6.70 -26.49
C VAL B 43 13.93 6.98 -27.27
N LYS B 44 15.06 6.89 -26.57
CA LYS B 44 16.35 7.28 -27.14
C LYS B 44 17.09 6.15 -27.83
N ALA B 45 16.76 4.90 -27.49
CA ALA B 45 17.48 3.74 -28.00
C ALA B 45 16.66 2.48 -27.98
N LEU B 46 16.78 1.69 -29.04
CA LEU B 46 16.17 0.37 -29.13
C LEU B 46 17.23 -0.66 -29.50
N TYR B 47 17.20 -1.79 -28.82
CA TYR B 47 18.18 -2.88 -29.02
C TYR B 47 17.44 -4.21 -29.11
N VAL B 48 17.73 -4.98 -30.18
CA VAL B 48 17.13 -6.30 -30.42
C VAL B 48 18.23 -7.29 -30.81
N ASN B 49 17.94 -8.58 -30.73
CA ASN B 49 18.88 -9.59 -31.22
C ASN B 49 18.85 -9.70 -32.76
N LYS B 50 17.73 -10.20 -33.32
CA LYS B 50 17.63 -10.56 -34.74
C LYS B 50 16.54 -9.85 -35.54
N SER B 51 15.41 -9.50 -34.91
CA SER B 51 14.20 -9.07 -35.63
C SER B 51 14.31 -7.67 -36.24
N VAL B 52 15.05 -7.61 -37.35
CA VAL B 52 15.33 -6.35 -38.04
C VAL B 52 14.06 -5.64 -38.53
N ASN B 53 13.10 -6.41 -39.05
CA ASN B 53 11.86 -5.85 -39.59
C ASN B 53 11.01 -5.20 -38.51
N GLU B 54 10.86 -5.90 -37.39
CA GLU B 54 10.14 -5.39 -36.22
C GLU B 54 10.82 -4.13 -35.68
N LEU B 55 12.15 -4.17 -35.57
CA LEU B 55 12.91 -2.99 -35.16
C LEU B 55 12.70 -1.80 -36.10
N TYR B 56 12.64 -2.04 -37.41
CA TYR B 56 12.35 -0.97 -38.38
C TYR B 56 11.00 -0.31 -38.10
N GLU B 57 9.97 -1.11 -37.87
CA GLU B 57 8.62 -0.59 -37.60
C GLU B 57 8.58 0.24 -36.32
N GLN B 58 9.28 -0.23 -35.29
CA GLN B 58 9.42 0.53 -34.04
C GLN B 58 10.18 1.82 -34.27
N ALA B 59 11.27 1.74 -35.02
CA ALA B 59 12.07 2.92 -35.39
C ALA B 59 11.26 3.96 -36.15
N ARG B 60 10.38 3.51 -37.05
CA ARG B 60 9.50 4.42 -37.79
C ARG B 60 8.55 5.17 -36.86
N GLU B 61 8.02 4.49 -35.85
CA GLU B 61 7.11 5.15 -34.91
C GLU B 61 7.84 6.01 -33.88
N PHE B 62 8.85 5.43 -33.22
CA PHE B 62 9.50 6.07 -32.07
C PHE B 62 10.70 6.94 -32.41
N LEU B 63 11.32 6.72 -33.58
CA LEU B 63 12.42 7.58 -34.07
C LEU B 63 13.55 7.76 -33.03
N PRO B 64 14.08 6.64 -32.50
CA PRO B 64 15.15 6.77 -31.49
C PRO B 64 16.48 7.23 -32.07
N GLU B 65 17.27 7.94 -31.26
CA GLU B 65 18.61 8.40 -31.69
C GLU B 65 19.54 7.22 -31.98
N TYR B 66 19.39 6.13 -31.23
CA TYR B 66 20.20 4.93 -31.38
C TYR B 66 19.36 3.72 -31.78
N LEU B 67 19.90 2.93 -32.71
CA LEU B 67 19.37 1.60 -33.02
C LEU B 67 20.53 0.65 -32.92
N CYS B 68 20.33 -0.49 -32.28
CA CYS B 68 21.36 -1.50 -32.16
C CYS B 68 20.78 -2.87 -32.40
N ILE B 69 21.55 -3.73 -33.05
CA ILE B 69 21.13 -5.10 -33.32
C ILE B 69 22.29 -6.04 -32.99
N HIS B 70 22.04 -7.10 -32.23
CA HIS B 70 23.12 -7.96 -31.77
C HIS B 70 23.76 -8.79 -32.89
N ASP B 71 22.99 -9.09 -33.93
CA ASP B 71 23.41 -9.95 -35.03
C ASP B 71 23.95 -9.13 -36.21
N LYS B 72 25.26 -9.24 -36.46
CA LYS B 72 25.95 -8.44 -37.48
C LYS B 72 25.47 -8.70 -38.93
N SER B 73 24.94 -9.90 -39.19
CA SER B 73 24.50 -10.28 -40.54
C SER B 73 23.28 -9.51 -41.07
N VAL B 74 22.47 -8.95 -40.16
CA VAL B 74 21.33 -8.09 -40.56
C VAL B 74 21.59 -6.59 -40.37
N TYR B 75 22.85 -6.22 -40.09
CA TYR B 75 23.23 -4.83 -39.87
C TYR B 75 23.03 -3.95 -41.10
N GLU B 76 23.47 -4.44 -42.26
CA GLU B 76 23.39 -3.65 -43.49
C GLU B 76 21.95 -3.47 -43.95
N GLU B 77 21.13 -4.50 -43.76
CA GLU B 77 19.70 -4.47 -44.07
C GLU B 77 18.99 -3.36 -43.30
N LEU B 78 19.28 -3.28 -42.00
CA LEU B 78 18.74 -2.25 -41.11
C LEU B 78 19.06 -0.83 -41.61
N LYS B 79 20.32 -0.62 -42.00
CA LYS B 79 20.76 0.68 -42.53
C LYS B 79 19.96 1.10 -43.78
N GLU B 80 19.75 0.14 -44.68
CA GLU B 80 18.99 0.40 -45.91
C GLU B 80 17.51 0.67 -45.64
N LEU B 81 16.90 -0.14 -44.77
CA LEU B 81 15.51 0.06 -44.33
C LEU B 81 15.26 1.46 -43.80
N VAL B 82 16.17 1.93 -42.95
CA VAL B 82 16.00 3.20 -42.25
C VAL B 82 16.03 4.42 -43.17
N LYS B 83 16.65 4.29 -44.36
CA LYS B 83 16.59 5.34 -45.39
C LYS B 83 15.17 5.73 -45.82
N ASN B 84 14.21 4.81 -45.66
CA ASN B 84 12.79 5.09 -45.90
C ASN B 84 12.14 6.11 -44.96
N ILE B 85 12.70 6.30 -43.77
CA ILE B 85 12.06 7.12 -42.75
C ILE B 85 12.43 8.58 -42.99
N LYS B 86 11.42 9.43 -43.05
CA LYS B 86 11.59 10.85 -43.38
C LYS B 86 12.25 11.60 -42.22
N ASP B 87 13.19 12.49 -42.54
CA ASP B 87 13.82 13.41 -41.57
C ASP B 87 14.48 12.69 -40.38
N TYR B 88 15.15 11.57 -40.65
CA TYR B 88 15.63 10.66 -39.60
C TYR B 88 17.04 10.14 -39.87
N LYS B 89 18.00 10.49 -39.01
CA LYS B 89 19.40 10.07 -39.15
C LYS B 89 19.94 9.47 -37.83
N PRO B 90 19.58 8.19 -37.55
CA PRO B 90 20.01 7.57 -36.30
C PRO B 90 21.44 7.06 -36.35
N ILE B 91 22.00 6.87 -35.17
CA ILE B 91 23.25 6.16 -34.99
C ILE B 91 22.89 4.67 -34.97
N ILE B 92 23.41 3.90 -35.94
CA ILE B 92 23.04 2.50 -36.11
C ILE B 92 24.23 1.61 -35.75
N LEU B 93 24.03 0.72 -34.78
CA LEU B 93 25.12 -0.02 -34.14
C LEU B 93 24.83 -1.51 -34.10
N CYS B 94 25.82 -2.29 -33.65
CA CYS B 94 25.65 -3.73 -33.52
C CYS B 94 26.55 -4.37 -32.46
N GLY B 95 26.09 -5.50 -31.94
CA GLY B 95 26.85 -6.32 -31.00
C GLY B 95 26.99 -5.75 -29.61
N ASP B 96 27.81 -6.41 -28.80
CA ASP B 96 28.17 -5.94 -27.45
C ASP B 96 28.72 -4.51 -27.47
N GLU B 97 29.49 -4.16 -28.51
CA GLU B 97 30.05 -2.81 -28.64
C GLU B 97 28.95 -1.75 -28.72
N GLY B 98 27.93 -2.01 -29.54
CA GLY B 98 26.82 -1.07 -29.75
C GLY B 98 26.05 -0.86 -28.46
N MET B 99 25.88 -1.95 -27.72
CA MET B 99 25.23 -1.93 -26.43
C MET B 99 26.01 -1.10 -25.40
N LYS B 100 27.34 -1.29 -25.35
CA LYS B 100 28.20 -0.48 -24.48
C LYS B 100 28.10 0.99 -24.81
N GLU B 101 28.04 1.31 -26.10
CA GLU B 101 27.96 2.68 -26.54
C GLU B 101 26.63 3.32 -26.13
N ILE B 102 25.54 2.57 -26.21
CA ILE B 102 24.24 3.07 -25.76
C ILE B 102 24.25 3.37 -24.25
N CYS B 103 24.75 2.42 -23.46
CA CYS B 103 24.82 2.60 -21.99
C CYS B 103 25.66 3.81 -21.56
N SER B 104 26.69 4.13 -22.32
CA SER B 104 27.59 5.24 -22.00
C SER B 104 27.11 6.62 -22.48
N SER B 105 26.00 6.68 -23.21
CA SER B 105 25.49 7.96 -23.70
C SER B 105 24.95 8.86 -22.57
N ASN B 106 25.36 10.12 -22.59
CA ASN B 106 24.83 11.12 -21.65
C ASN B 106 23.39 11.52 -21.94
N SER B 107 22.87 11.15 -23.11
CA SER B 107 21.48 11.45 -23.47
C SER B 107 20.48 10.41 -22.95
N ILE B 108 20.96 9.34 -22.29
CA ILE B 108 20.08 8.29 -21.74
C ILE B 108 20.12 8.26 -20.20
N ASP B 109 18.94 8.27 -19.59
CA ASP B 109 18.80 8.28 -18.13
C ASP B 109 18.42 6.92 -17.55
N LYS B 110 17.54 6.20 -18.24
CA LYS B 110 16.97 4.96 -17.72
C LYS B 110 17.05 3.88 -18.78
N ILE B 111 17.41 2.67 -18.36
CA ILE B 111 17.55 1.55 -19.27
C ILE B 111 16.68 0.38 -18.79
N VAL B 112 15.78 -0.07 -19.68
CA VAL B 112 14.96 -1.25 -19.46
C VAL B 112 15.72 -2.49 -19.96
N ILE B 113 16.01 -3.41 -19.05
CA ILE B 113 16.68 -4.66 -19.38
C ILE B 113 15.59 -5.73 -19.53
N GLY B 114 15.20 -5.97 -20.78
CA GLY B 114 14.27 -7.03 -21.15
C GLY B 114 14.90 -8.16 -21.96
N ILE B 115 16.19 -8.43 -21.71
CA ILE B 115 16.92 -9.58 -22.28
C ILE B 115 17.24 -10.55 -21.13
N ASP B 116 17.40 -11.84 -21.46
CA ASP B 116 17.81 -12.89 -20.48
C ASP B 116 19.31 -13.29 -20.55
N SER B 117 19.71 -14.24 -19.68
CA SER B 117 20.97 -15.00 -19.78
C SER B 117 22.25 -14.15 -19.71
N PHE B 118 23.11 -14.19 -20.74
CA PHE B 118 24.39 -13.47 -20.71
C PHE B 118 24.19 -12.01 -21.11
N GLN B 119 23.55 -11.78 -22.25
CA GLN B 119 23.27 -10.40 -22.73
C GLN B 119 22.54 -9.56 -21.67
N GLY B 120 21.66 -10.20 -20.89
CA GLY B 120 20.98 -9.58 -19.75
C GLY B 120 21.91 -9.15 -18.63
N LEU B 121 22.73 -10.07 -18.12
CA LEU B 121 23.73 -9.70 -17.09
C LEU B 121 24.76 -8.69 -17.63
N TYR B 122 25.19 -8.90 -18.87
CA TYR B 122 26.21 -8.08 -19.53
C TYR B 122 25.74 -6.64 -19.70
N SER B 123 24.54 -6.45 -20.24
CA SER B 123 23.96 -5.11 -20.37
C SER B 123 23.64 -4.44 -19.03
N THR B 124 23.17 -5.21 -18.06
CA THR B 124 22.94 -4.71 -16.70
C THR B 124 24.23 -4.14 -16.12
N MET B 125 25.31 -4.89 -16.26
CA MET B 125 26.64 -4.49 -15.78
C MET B 125 27.08 -3.15 -16.39
N TYR B 126 27.01 -3.04 -17.70
CA TYR B 126 27.40 -1.79 -18.38
C TYR B 126 26.48 -0.61 -18.03
N ALA B 127 25.19 -0.88 -17.84
CA ALA B 127 24.25 0.16 -17.38
C ALA B 127 24.67 0.70 -16.01
N ILE B 128 24.99 -0.22 -15.09
CA ILE B 128 25.40 0.15 -13.75
C ILE B 128 26.73 0.90 -13.79
N MET B 129 27.69 0.40 -14.59
CA MET B 129 29.00 1.07 -14.71
C MET B 129 28.90 2.52 -15.21
N ASN B 130 27.86 2.81 -15.99
CA ASN B 130 27.59 4.18 -16.45
C ASN B 130 26.59 4.95 -15.58
N ASN B 131 26.37 4.48 -14.34
CA ASN B 131 25.59 5.19 -13.33
C ASN B 131 24.14 5.47 -13.73
N LYS B 132 23.53 4.55 -14.48
CA LYS B 132 22.16 4.72 -14.95
C LYS B 132 21.14 4.16 -13.96
N ILE B 133 19.86 4.52 -14.16
CA ILE B 133 18.75 3.82 -13.52
C ILE B 133 18.44 2.62 -14.40
N VAL B 134 18.48 1.42 -13.81
CA VAL B 134 18.36 0.19 -14.55
C VAL B 134 17.04 -0.48 -14.14
N ALA B 135 16.07 -0.51 -15.05
CA ALA B 135 14.78 -1.16 -14.82
C ALA B 135 14.95 -2.64 -15.20
N LEU B 136 15.14 -3.47 -14.19
CA LEU B 136 15.61 -4.84 -14.38
C LEU B 136 14.46 -5.84 -14.28
N ALA B 137 14.15 -6.47 -15.40
CA ALA B 137 13.16 -7.54 -15.48
C ALA B 137 13.79 -8.95 -15.50
N ASN B 138 15.12 -9.05 -15.62
CA ASN B 138 15.80 -10.35 -15.68
C ASN B 138 16.19 -10.86 -14.29
N LYS B 139 15.30 -11.62 -13.66
CA LYS B 139 15.50 -12.12 -12.30
C LYS B 139 16.69 -13.07 -12.19
N GLU B 140 16.97 -13.82 -13.24
CA GLU B 140 18.09 -14.78 -13.23
C GLU B 140 19.45 -14.11 -12.97
N SER B 141 19.62 -12.88 -13.47
N SER B 141 19.63 -12.88 -13.45
CA SER B 141 20.85 -12.10 -13.22
CA SER B 141 20.86 -12.12 -13.22
C SER B 141 21.06 -11.79 -11.74
C SER B 141 21.07 -11.76 -11.74
N ILE B 142 19.99 -11.45 -11.04
CA ILE B 142 20.03 -11.16 -9.60
C ILE B 142 20.32 -12.45 -8.81
N VAL B 143 19.66 -13.55 -9.16
CA VAL B 143 19.83 -14.83 -8.47
C VAL B 143 21.23 -15.37 -8.68
N SER B 144 21.71 -15.34 -9.92
CA SER B 144 23.01 -15.88 -10.24
C SER B 144 24.18 -14.99 -9.83
N ALA B 145 24.02 -13.67 -9.99
CA ALA B 145 25.15 -12.73 -9.84
C ALA B 145 24.91 -11.64 -8.80
N GLY B 146 24.05 -11.92 -7.82
CA GLY B 146 23.69 -10.98 -6.76
C GLY B 146 24.88 -10.33 -6.08
N PHE B 147 25.87 -11.13 -5.70
CA PHE B 147 27.10 -10.64 -5.06
C PHE B 147 27.84 -9.62 -5.94
N PHE B 148 27.92 -9.93 -7.23
CA PHE B 148 28.57 -9.06 -8.20
C PHE B 148 27.80 -7.76 -8.40
N LEU B 149 26.48 -7.86 -8.56
CA LEU B 149 25.64 -6.66 -8.69
C LEU B 149 25.73 -5.75 -7.46
N LYS B 150 25.70 -6.34 -6.27
CA LYS B 150 25.92 -5.58 -5.02
C LYS B 150 27.25 -4.84 -5.00
N LYS B 151 28.31 -5.54 -5.40
CA LYS B 151 29.66 -4.98 -5.43
C LYS B 151 29.74 -3.82 -6.40
N LEU B 152 29.19 -4.03 -7.59
CA LEU B 152 29.16 -3.03 -8.65
C LEU B 152 28.37 -1.76 -8.23
N LEU B 153 27.23 -1.97 -7.56
CA LEU B 153 26.39 -0.85 -7.07
C LEU B 153 27.02 -0.09 -5.90
N ASN B 154 27.90 -0.75 -5.16
CA ASN B 154 28.68 -0.09 -4.11
C ASN B 154 29.76 0.81 -4.72
N ILE B 155 30.34 0.39 -5.84
CA ILE B 155 31.31 1.21 -6.58
C ILE B 155 30.64 2.39 -7.31
N HIS B 156 29.55 2.12 -8.03
CA HIS B 156 28.88 3.11 -8.86
C HIS B 156 27.70 3.66 -8.09
N LYS B 157 27.98 4.69 -7.30
CA LYS B 157 27.08 5.15 -6.23
C LYS B 157 25.74 5.69 -6.75
N ASN B 158 25.74 6.26 -7.95
CA ASN B 158 24.54 6.84 -8.53
C ASN B 158 23.73 5.91 -9.41
N ALA B 159 24.23 4.69 -9.66
CA ALA B 159 23.43 3.69 -10.38
C ALA B 159 22.37 3.15 -9.42
N LYS B 160 21.23 2.75 -9.97
CA LYS B 160 20.16 2.16 -9.18
C LYS B 160 19.48 1.06 -9.99
N ILE B 161 19.25 -0.09 -9.34
CA ILE B 161 18.37 -1.12 -9.90
C ILE B 161 16.97 -0.87 -9.38
N ILE B 162 16.01 -0.75 -10.29
CA ILE B 162 14.59 -0.63 -9.95
C ILE B 162 13.92 -1.90 -10.45
N PRO B 163 13.22 -2.64 -9.55
CA PRO B 163 12.62 -3.92 -9.96
C PRO B 163 11.40 -3.81 -10.88
N VAL B 164 11.40 -4.65 -11.91
CA VAL B 164 10.32 -4.76 -12.89
C VAL B 164 9.52 -6.05 -12.71
N ASP B 165 10.17 -7.12 -12.22
CA ASP B 165 9.47 -8.38 -11.91
C ASP B 165 8.25 -8.02 -11.05
N SER B 166 7.06 -8.49 -11.42
CA SER B 166 5.81 -7.92 -10.93
C SER B 166 5.64 -7.92 -9.41
N GLU B 167 6.12 -8.97 -8.76
CA GLU B 167 5.99 -9.13 -7.31
C GLU B 167 6.93 -8.16 -6.61
N HIS B 168 8.08 -7.95 -7.21
CA HIS B 168 9.14 -7.12 -6.63
C HIS B 168 8.83 -5.65 -6.85
N SER B 169 8.23 -5.34 -7.99
CA SER B 169 7.65 -4.03 -8.22
C SER B 169 6.54 -3.76 -7.20
N ALA B 170 5.68 -4.74 -6.95
CA ALA B 170 4.62 -4.58 -5.95
C ALA B 170 5.21 -4.22 -4.58
N ILE B 171 6.18 -5.01 -4.14
CA ILE B 171 6.89 -4.78 -2.88
C ILE B 171 7.42 -3.35 -2.86
N PHE B 172 8.15 -2.98 -3.91
CA PHE B 172 8.74 -1.65 -4.05
C PHE B 172 7.68 -0.54 -3.95
N GLN B 173 6.54 -0.75 -4.62
CA GLN B 173 5.40 0.19 -4.55
C GLN B 173 4.73 0.31 -3.15
N CYS B 174 4.90 -0.71 -2.30
CA CYS B 174 4.37 -0.71 -0.93
C CYS B 174 5.25 0.06 0.07
N LEU B 175 6.44 0.49 -0.38
CA LEU B 175 7.39 1.17 0.46
C LEU B 175 7.22 2.68 0.34
N ASP B 176 7.57 3.36 1.43
CA ASP B 176 7.48 4.80 1.56
C ASP B 176 8.73 5.40 0.92
N ASN B 177 8.57 6.18 -0.17
CA ASN B 177 9.74 6.75 -0.85
C ASN B 177 10.56 7.73 -0.02
N ASN B 178 9.97 8.31 1.02
CA ASN B 178 10.73 9.10 2.00
C ASN B 178 11.83 8.26 2.67
N LYS B 179 11.60 6.94 2.78
CA LYS B 179 12.61 5.98 3.25
C LYS B 179 13.44 5.40 2.11
N VAL B 180 12.76 4.96 1.04
CA VAL B 180 13.45 4.35 -0.10
C VAL B 180 14.56 5.25 -0.63
N LEU B 181 14.31 6.56 -0.70
CA LEU B 181 15.29 7.53 -1.22
C LEU B 181 16.55 7.69 -0.35
N LYS B 182 16.54 7.16 0.87
CA LYS B 182 17.71 7.14 1.76
C LYS B 182 18.54 5.84 1.65
N THR B 183 18.14 4.95 0.75
CA THR B 183 18.85 3.69 0.50
C THR B 183 18.69 3.36 -1.01
N LYS B 184 18.90 2.11 -1.39
CA LYS B 184 18.61 1.67 -2.75
C LYS B 184 18.59 0.16 -2.79
N CYS B 185 17.99 -0.41 -3.83
CA CYS B 185 17.94 -1.87 -3.94
C CYS B 185 19.35 -2.48 -4.00
N LEU B 186 19.47 -3.68 -3.43
CA LEU B 186 20.73 -4.42 -3.28
C LEU B 186 21.74 -3.77 -2.31
N GLN B 187 21.29 -2.84 -1.48
CA GLN B 187 22.19 -2.21 -0.51
C GLN B 187 21.91 -2.82 0.85
N ASP B 188 22.97 -3.09 1.61
CA ASP B 188 22.83 -3.61 2.96
C ASP B 188 22.03 -2.63 3.80
N ASN B 189 21.14 -3.18 4.63
CA ASN B 189 20.28 -2.44 5.54
C ASN B 189 19.04 -1.80 4.89
N PHE B 190 18.74 -2.18 3.63
CA PHE B 190 17.55 -1.69 2.94
C PHE B 190 16.28 -1.95 3.74
N SER B 191 16.12 -3.18 4.24
N SER B 191 16.11 -3.17 4.25
CA SER B 191 14.91 -3.53 5.02
CA SER B 191 14.92 -3.51 5.03
C SER B 191 14.80 -2.75 6.33
C SER B 191 14.81 -2.73 6.33
N LYS B 192 15.92 -2.58 7.04
CA LYS B 192 15.93 -1.83 8.30
C LYS B 192 15.52 -0.36 8.08
N ILE B 193 16.10 0.27 7.08
CA ILE B 193 15.76 1.67 6.77
C ILE B 193 14.29 1.83 6.39
N ASN B 194 13.72 0.84 5.69
CA ASN B 194 12.30 0.87 5.27
C ASN B 194 11.30 0.27 6.29
N ASN B 195 11.78 -0.12 7.46
CA ASN B 195 10.94 -0.70 8.53
C ASN B 195 10.22 -1.98 8.12
N ILE B 196 10.87 -2.78 7.25
CA ILE B 196 10.28 -4.02 6.76
C ILE B 196 10.50 -5.12 7.79
N ASN B 197 9.42 -5.85 8.11
CA ASN B 197 9.48 -7.02 8.99
C ASN B 197 9.46 -8.31 8.21
N LYS B 198 8.57 -8.40 7.22
CA LYS B 198 8.28 -9.66 6.55
C LYS B 198 7.64 -9.40 5.17
N ILE B 199 7.83 -10.33 4.25
CA ILE B 199 7.28 -10.22 2.89
C ILE B 199 6.34 -11.40 2.60
N PHE B 200 5.15 -11.08 2.08
CA PHE B 200 4.25 -12.06 1.46
C PHE B 200 4.49 -12.01 -0.05
N LEU B 201 5.12 -13.07 -0.57
CA LEU B 201 5.45 -13.16 -2.00
C LEU B 201 4.37 -13.97 -2.71
N CYS B 202 3.50 -13.26 -3.43
CA CYS B 202 2.34 -13.88 -4.07
C CYS B 202 2.71 -14.70 -5.30
N SER B 203 2.01 -15.83 -5.48
CA SER B 203 2.19 -16.73 -6.62
C SER B 203 0.84 -17.08 -7.22
N SER B 204 0.78 -17.19 -8.55
CA SER B 204 -0.41 -17.71 -9.22
C SER B 204 -0.70 -19.16 -8.84
N GLY B 205 0.35 -19.90 -8.46
CA GLY B 205 0.24 -21.33 -8.20
C GLY B 205 0.52 -22.18 -9.43
N GLY B 206 0.41 -21.58 -10.61
CA GLY B 206 0.69 -22.27 -11.87
C GLY B 206 -0.35 -23.31 -12.24
N PRO B 207 -0.17 -23.93 -13.41
CA PRO B 207 -1.19 -24.85 -13.97
C PRO B 207 -1.38 -26.17 -13.21
N PHE B 208 -0.41 -26.57 -12.38
CA PHE B 208 -0.45 -27.84 -11.69
C PHE B 208 -0.86 -27.73 -10.22
N GLN B 209 -1.35 -26.57 -9.80
CA GLN B 209 -1.52 -26.29 -8.38
C GLN B 209 -2.48 -27.25 -7.66
N ASN B 210 -3.49 -27.75 -8.36
CA ASN B 210 -4.53 -28.60 -7.75
C ASN B 210 -4.37 -30.09 -8.06
N LEU B 211 -3.26 -30.48 -8.70
CA LEU B 211 -3.01 -31.88 -9.01
C LEU B 211 -2.61 -32.68 -7.77
N THR B 212 -2.99 -33.96 -7.77
CA THR B 212 -2.53 -34.91 -6.77
C THR B 212 -1.09 -35.29 -7.09
N MET B 213 -0.40 -35.91 -6.13
CA MET B 213 0.96 -36.42 -6.35
C MET B 213 1.02 -37.43 -7.49
N ASP B 214 0.02 -38.31 -7.59
CA ASP B 214 -0.04 -39.26 -8.71
C ASP B 214 -0.21 -38.56 -10.06
N GLU B 215 -1.04 -37.52 -10.10
CA GLU B 215 -1.21 -36.71 -11.32
C GLU B 215 0.09 -35.97 -11.69
N LEU B 216 0.77 -35.39 -10.70
CA LEU B 216 2.05 -34.69 -10.94
C LEU B 216 3.15 -35.54 -11.53
N LYS B 217 3.21 -36.81 -11.14
CA LYS B 217 4.22 -37.72 -11.67
C LYS B 217 4.21 -37.81 -13.21
N ASN B 218 3.04 -37.64 -13.82
CA ASN B 218 2.84 -37.80 -15.27
C ASN B 218 2.78 -36.53 -16.11
N VAL B 219 2.72 -35.35 -15.48
CA VAL B 219 2.52 -34.11 -16.24
C VAL B 219 3.63 -33.89 -17.28
N THR B 220 3.25 -33.31 -18.40
CA THR B 220 4.18 -33.00 -19.47
C THR B 220 4.25 -31.50 -19.67
N SER B 221 5.23 -31.07 -20.45
CA SER B 221 5.37 -29.66 -20.80
C SER B 221 4.19 -29.13 -21.63
N GLU B 222 3.64 -29.96 -22.52
CA GLU B 222 2.43 -29.60 -23.27
C GLU B 222 1.26 -29.24 -22.33
N ASN B 223 1.08 -30.00 -21.25
CA ASN B 223 0.09 -29.69 -20.21
C ASN B 223 0.35 -28.31 -19.57
N ALA B 224 1.60 -28.02 -19.28
CA ALA B 224 1.99 -26.73 -18.68
C ALA B 224 1.72 -25.57 -19.63
N LEU B 225 2.01 -25.78 -20.91
CA LEU B 225 1.92 -24.72 -21.91
C LEU B 225 0.52 -24.50 -22.49
N LYS B 226 -0.37 -25.49 -22.33
CA LYS B 226 -1.70 -25.45 -22.95
C LYS B 226 -2.61 -24.45 -22.25
N HIS B 227 -3.55 -23.88 -23.02
CA HIS B 227 -4.53 -22.88 -22.56
C HIS B 227 -3.95 -21.90 -21.54
N PRO B 228 -2.84 -21.21 -21.90
CA PRO B 228 -2.20 -20.29 -20.96
C PRO B 228 -3.06 -19.06 -20.72
N LYS B 229 -3.08 -18.59 -19.48
CA LYS B 229 -3.92 -17.47 -19.09
C LYS B 229 -3.35 -16.13 -19.55
N TRP B 230 -2.01 -16.02 -19.56
CA TRP B 230 -1.31 -14.82 -20.06
C TRP B 230 -0.23 -15.24 -21.05
N LYS B 231 0.18 -14.26 -21.87
CA LYS B 231 1.12 -14.50 -22.96
C LYS B 231 2.55 -14.28 -22.46
N MET B 232 3.16 -15.35 -21.97
CA MET B 232 4.57 -15.33 -21.53
C MET B 232 5.35 -16.53 -22.08
N GLY B 233 6.67 -16.43 -22.01
CA GLY B 233 7.58 -17.37 -22.65
C GLY B 233 7.56 -18.76 -22.07
N LYS B 234 8.14 -19.70 -22.79
CA LYS B 234 8.12 -21.11 -22.40
C LYS B 234 8.92 -21.39 -21.11
N LYS B 235 10.09 -20.78 -20.99
CA LYS B 235 10.96 -21.00 -19.84
C LYS B 235 10.24 -20.60 -18.53
N ILE B 236 9.72 -19.37 -18.46
CA ILE B 236 9.00 -18.92 -17.24
C ILE B 236 7.70 -19.73 -17.01
N THR B 237 7.02 -20.15 -18.09
CA THR B 237 5.82 -20.98 -17.92
C THR B 237 6.16 -22.32 -17.26
N ILE B 238 7.27 -22.93 -17.65
CA ILE B 238 7.70 -24.17 -17.00
C ILE B 238 8.08 -23.88 -15.54
N ASP B 239 8.81 -22.78 -15.29
CA ASP B 239 9.14 -22.40 -13.90
C ASP B 239 7.90 -22.12 -13.04
N SER B 240 6.86 -21.56 -13.65
CA SER B 240 5.57 -21.38 -12.96
C SER B 240 4.93 -22.71 -12.61
N ALA B 241 4.99 -23.66 -13.53
CA ALA B 241 4.47 -25.01 -13.30
C ALA B 241 5.13 -25.76 -12.14
N THR B 242 6.46 -25.64 -12.02
CA THR B 242 7.20 -26.29 -10.94
C THR B 242 7.26 -25.44 -9.66
N MET B 243 6.83 -24.17 -9.77
CA MET B 243 7.02 -23.13 -8.76
C MET B 243 8.49 -22.77 -8.52
N MET B 244 9.41 -23.22 -9.38
CA MET B 244 10.78 -22.69 -9.32
C MET B 244 10.81 -21.19 -9.66
N ASN B 245 9.81 -20.70 -10.41
CA ASN B 245 9.72 -19.25 -10.64
C ASN B 245 9.70 -18.54 -9.31
N LYS B 246 8.84 -19.01 -8.41
CA LYS B 246 8.72 -18.39 -7.09
C LYS B 246 9.95 -18.63 -6.23
N GLY B 247 10.55 -19.81 -6.32
CA GLY B 247 11.83 -20.08 -5.67
C GLY B 247 12.92 -19.08 -6.05
N LEU B 248 13.08 -18.87 -7.35
CA LEU B 248 14.01 -17.83 -7.84
C LEU B 248 13.62 -16.45 -7.33
N GLU B 249 12.32 -16.18 -7.30
CA GLU B 249 11.84 -14.88 -6.81
C GLU B 249 12.04 -14.67 -5.31
N VAL B 250 12.12 -15.76 -4.53
CA VAL B 250 12.48 -15.67 -3.09
C VAL B 250 13.91 -15.15 -2.94
N ILE B 251 14.83 -15.74 -3.71
CA ILE B 251 16.23 -15.30 -3.69
C ILE B 251 16.33 -13.87 -4.21
N GLU B 252 15.56 -13.55 -5.26
CA GLU B 252 15.51 -12.19 -5.79
C GLU B 252 15.09 -11.16 -4.72
N THR B 253 14.06 -11.50 -3.94
CA THR B 253 13.57 -10.67 -2.84
C THR B 253 14.68 -10.45 -1.80
N HIS B 254 15.33 -11.54 -1.40
CA HIS B 254 16.41 -11.44 -0.42
C HIS B 254 17.49 -10.44 -0.85
N PHE B 255 17.92 -10.54 -2.10
CA PHE B 255 18.99 -9.68 -2.61
C PHE B 255 18.53 -8.25 -2.84
N LEU B 256 17.42 -8.05 -3.54
CA LEU B 256 16.90 -6.70 -3.78
C LEU B 256 16.62 -5.90 -2.50
N PHE B 257 16.04 -6.56 -1.50
CA PHE B 257 15.51 -5.86 -0.33
C PHE B 257 16.20 -6.14 1.00
N ASP B 258 17.23 -6.99 0.98
CA ASP B 258 17.95 -7.41 2.20
C ASP B 258 16.99 -7.96 3.26
N VAL B 259 16.09 -8.85 2.83
CA VAL B 259 15.12 -9.49 3.71
C VAL B 259 15.62 -10.91 3.97
N ASP B 260 15.66 -11.31 5.23
CA ASP B 260 16.10 -12.67 5.61
C ASP B 260 15.15 -13.72 5.05
N TYR B 261 15.68 -14.89 4.69
CA TYR B 261 14.84 -15.95 4.12
C TYR B 261 13.70 -16.40 5.04
N ASN B 262 13.92 -16.41 6.36
CA ASN B 262 12.85 -16.74 7.32
C ASN B 262 11.72 -15.70 7.34
N ASP B 263 11.94 -14.53 6.76
CA ASP B 263 10.95 -13.47 6.71
C ASP B 263 10.33 -13.30 5.31
N ILE B 264 10.45 -14.32 4.47
CA ILE B 264 9.80 -14.35 3.15
C ILE B 264 8.84 -15.54 3.14
N GLU B 265 7.56 -15.26 2.98
CA GLU B 265 6.53 -16.29 2.92
C GLU B 265 5.93 -16.33 1.52
N VAL B 266 5.96 -17.50 0.87
CA VAL B 266 5.28 -17.68 -0.42
C VAL B 266 3.80 -17.97 -0.15
N ILE B 267 2.92 -17.23 -0.81
CA ILE B 267 1.48 -17.41 -0.68
C ILE B 267 0.85 -17.58 -2.07
N VAL B 268 0.01 -18.60 -2.23
CA VAL B 268 -0.66 -18.87 -3.50
C VAL B 268 -1.94 -18.03 -3.55
N HIS B 269 -1.98 -17.11 -4.51
CA HIS B 269 -3.09 -16.19 -4.73
C HIS B 269 -3.54 -16.34 -6.20
N LYS B 270 -4.47 -17.25 -6.43
CA LYS B 270 -4.78 -17.69 -7.81
C LYS B 270 -5.42 -16.61 -8.69
N GLU B 271 -6.06 -15.61 -8.09
CA GLU B 271 -6.70 -14.53 -8.86
C GLU B 271 -5.71 -13.52 -9.43
N CYS B 272 -4.49 -13.47 -8.89
CA CYS B 272 -3.41 -12.60 -9.41
C CYS B 272 -3.81 -11.12 -9.45
N ILE B 273 -4.56 -10.68 -8.46
CA ILE B 273 -4.91 -9.27 -8.25
C ILE B 273 -3.95 -8.58 -7.26
N ILE B 274 -3.78 -9.15 -6.07
CA ILE B 274 -2.73 -8.72 -5.13
C ILE B 274 -1.39 -9.27 -5.62
N HIS B 275 -0.42 -8.39 -5.85
CA HIS B 275 0.84 -8.82 -6.49
C HIS B 275 1.97 -9.13 -5.51
N SER B 276 1.84 -8.63 -4.29
CA SER B 276 2.63 -9.06 -3.12
C SER B 276 2.32 -8.07 -1.99
N CYS B 277 2.75 -8.37 -0.75
CA CYS B 277 2.44 -7.52 0.40
C CYS B 277 3.67 -7.39 1.28
N VAL B 278 3.74 -6.26 1.99
CA VAL B 278 4.84 -5.98 2.92
C VAL B 278 4.25 -5.76 4.30
N GLU B 279 4.77 -6.52 5.28
CA GLU B 279 4.45 -6.33 6.68
C GLU B 279 5.56 -5.48 7.29
N PHE B 280 5.17 -4.37 7.90
CA PHE B 280 6.13 -3.49 8.57
C PHE B 280 6.31 -3.86 10.03
N ILE B 281 7.29 -3.24 10.67
CA ILE B 281 7.66 -3.61 12.05
C ILE B 281 6.54 -3.39 13.09
N ASP B 282 5.56 -2.53 12.78
CA ASP B 282 4.37 -2.36 13.62
C ASP B 282 3.29 -3.44 13.40
N LYS B 283 3.48 -4.25 12.37
CA LYS B 283 2.56 -5.32 11.90
C LYS B 283 1.46 -4.82 10.95
N SER B 284 1.47 -3.53 10.60
CA SER B 284 0.62 -3.07 9.51
C SER B 284 1.11 -3.70 8.21
N VAL B 285 0.17 -4.11 7.37
CA VAL B 285 0.51 -4.70 6.06
C VAL B 285 0.00 -3.79 4.94
N ILE B 286 0.87 -3.55 3.95
CA ILE B 286 0.54 -2.78 2.74
C ILE B 286 0.69 -3.72 1.53
N SER B 287 -0.24 -3.63 0.59
CA SER B 287 -0.22 -4.45 -0.63
C SER B 287 -0.47 -3.60 -1.87
N GLN B 288 -0.03 -4.10 -3.01
CA GLN B 288 -0.29 -3.47 -4.31
C GLN B 288 -1.13 -4.42 -5.15
N MET B 289 -2.11 -3.83 -5.83
CA MET B 289 -3.14 -4.55 -6.58
C MET B 289 -3.35 -3.94 -7.96
N TYR B 290 -3.53 -4.81 -8.94
CA TYR B 290 -4.06 -4.44 -10.24
C TYR B 290 -4.40 -5.75 -11.00
N TYR B 291 -5.06 -5.64 -12.14
CA TYR B 291 -5.15 -6.77 -13.08
C TYR B 291 -3.75 -7.30 -13.44
N PRO B 292 -3.64 -8.62 -13.73
CA PRO B 292 -2.35 -9.17 -14.13
C PRO B 292 -1.90 -8.63 -15.51
N ASP B 293 -1.12 -7.57 -15.48
CA ASP B 293 -0.72 -6.79 -16.66
C ASP B 293 0.65 -6.21 -16.36
N MET B 294 1.65 -6.51 -17.20
CA MET B 294 3.01 -6.01 -16.96
C MET B 294 3.22 -4.51 -17.20
N GLN B 295 2.23 -3.80 -17.75
CA GLN B 295 2.44 -2.37 -18.01
C GLN B 295 2.65 -1.55 -16.73
N ILE B 296 1.94 -1.87 -15.66
CA ILE B 296 2.09 -1.14 -14.38
C ILE B 296 3.51 -1.30 -13.79
N PRO B 297 4.01 -2.53 -13.64
CA PRO B 297 5.39 -2.63 -13.09
C PRO B 297 6.46 -1.97 -13.95
N ILE B 298 6.34 -2.10 -15.27
CA ILE B 298 7.26 -1.44 -16.20
C ILE B 298 7.14 0.08 -16.04
N LEU B 299 5.93 0.60 -16.07
CA LEU B 299 5.73 2.06 -15.98
C LEU B 299 6.31 2.64 -14.72
N TYR B 300 6.04 2.00 -13.59
CA TYR B 300 6.55 2.47 -12.30
C TYR B 300 8.06 2.51 -12.29
N SER B 301 8.72 1.53 -12.92
CA SER B 301 10.19 1.51 -12.91
C SER B 301 10.75 2.75 -13.62
N LEU B 302 10.00 3.26 -14.59
CA LEU B 302 10.39 4.45 -15.36
C LEU B 302 9.91 5.78 -14.78
N THR B 303 8.88 5.76 -13.94
CA THR B 303 8.38 7.01 -13.31
C THR B 303 8.88 7.22 -11.88
N TRP B 304 9.22 6.14 -11.18
CA TRP B 304 9.68 6.20 -9.79
C TRP B 304 10.70 7.32 -9.64
N PRO B 305 10.59 8.17 -8.59
CA PRO B 305 9.68 8.13 -7.45
C PRO B 305 8.29 8.80 -7.64
N ASP B 306 7.93 9.14 -8.87
CA ASP B 306 6.63 9.72 -9.19
CA ASP B 306 6.63 9.74 -9.20
C ASP B 306 5.72 8.70 -9.86
N ARG B 307 4.47 9.11 -10.12
CA ARG B 307 3.52 8.36 -10.96
C ARG B 307 2.96 9.33 -12.00
N ILE B 308 2.54 8.79 -13.15
CA ILE B 308 1.91 9.61 -14.21
C ILE B 308 0.58 9.01 -14.64
N LYS B 309 -0.22 9.81 -15.33
CA LYS B 309 -1.54 9.37 -15.74
C LYS B 309 -1.49 8.30 -16.84
N THR B 310 -2.33 7.29 -16.71
CA THR B 310 -2.59 6.34 -17.79
C THR B 310 -4.08 6.30 -18.08
N ASN B 311 -4.43 5.60 -19.16
CA ASN B 311 -5.82 5.29 -19.50
C ASN B 311 -6.03 3.78 -19.41
N LEU B 312 -5.33 3.11 -18.48
CA LEU B 312 -5.56 1.69 -18.24
C LEU B 312 -6.95 1.49 -17.61
N LYS B 313 -7.52 0.31 -17.82
CA LYS B 313 -8.81 -0.04 -17.22
C LYS B 313 -8.71 0.01 -15.69
N PRO B 314 -9.63 0.75 -15.03
CA PRO B 314 -9.59 0.76 -13.56
C PRO B 314 -10.02 -0.59 -12.93
N LEU B 315 -9.34 -0.98 -11.86
CA LEU B 315 -9.69 -2.20 -11.12
C LEU B 315 -11.11 -2.13 -10.59
N ASP B 316 -11.91 -3.15 -10.90
CA ASP B 316 -13.29 -3.24 -10.43
C ASP B 316 -13.33 -4.32 -9.35
N LEU B 317 -13.10 -3.92 -8.10
CA LEU B 317 -13.02 -4.88 -7.00
C LEU B 317 -14.32 -5.66 -6.80
N ALA B 318 -15.46 -4.99 -6.93
CA ALA B 318 -16.76 -5.68 -6.81
C ALA B 318 -16.92 -6.78 -7.87
N GLN B 319 -16.48 -6.52 -9.10
CA GLN B 319 -16.51 -7.53 -10.17
C GLN B 319 -15.54 -8.69 -9.90
N VAL B 320 -14.31 -8.37 -9.50
CA VAL B 320 -13.33 -9.39 -9.07
C VAL B 320 -13.98 -10.27 -8.00
N SER B 321 -14.56 -9.61 -7.00
CA SER B 321 -15.47 -10.21 -6.02
C SER B 321 -14.81 -10.98 -4.87
N THR B 322 -13.85 -11.85 -5.18
CA THR B 322 -13.26 -12.76 -4.21
C THR B 322 -11.76 -12.85 -4.46
N LEU B 323 -10.97 -12.74 -3.37
CA LEU B 323 -9.53 -12.96 -3.37
C LEU B 323 -9.20 -14.10 -2.39
N THR B 324 -8.35 -15.04 -2.80
CA THR B 324 -8.02 -16.20 -1.97
C THR B 324 -6.51 -16.36 -1.77
N PHE B 325 -6.15 -16.99 -0.65
CA PHE B 325 -4.76 -17.19 -0.24
C PHE B 325 -4.59 -18.56 0.42
N HIS B 326 -3.57 -19.31 0.01
CA HIS B 326 -3.22 -20.54 0.70
C HIS B 326 -1.73 -20.85 0.63
N LYS B 327 -1.27 -21.71 1.53
CA LYS B 327 0.14 -22.11 1.59
C LYS B 327 0.41 -23.13 0.48
N PRO B 328 1.56 -23.02 -0.21
CA PRO B 328 1.93 -24.05 -1.19
C PRO B 328 2.46 -25.32 -0.52
N SER B 329 2.23 -26.47 -1.16
CA SER B 329 2.75 -27.74 -0.64
C SER B 329 4.17 -27.94 -1.14
N LEU B 330 5.13 -28.03 -0.21
CA LEU B 330 6.54 -28.27 -0.57
C LEU B 330 6.79 -29.70 -1.08
N GLU B 331 5.91 -30.63 -0.72
CA GLU B 331 5.96 -32.01 -1.24
C GLU B 331 5.60 -32.02 -2.74
N HIS B 332 4.58 -31.27 -3.11
CA HIS B 332 4.17 -31.15 -4.52
C HIS B 332 5.10 -30.25 -5.34
N PHE B 333 5.69 -29.26 -4.68
CA PHE B 333 6.55 -28.28 -5.34
C PHE B 333 7.93 -28.19 -4.68
N PRO B 334 8.70 -29.29 -4.77
CA PRO B 334 10.01 -29.36 -4.09
C PRO B 334 11.02 -28.31 -4.52
N CYS B 335 10.88 -27.78 -5.74
CA CYS B 335 11.72 -26.67 -6.21
C CYS B 335 11.72 -25.46 -5.26
N ILE B 336 10.61 -25.22 -4.59
CA ILE B 336 10.54 -24.12 -3.60
C ILE B 336 11.50 -24.39 -2.46
N LYS B 337 11.44 -25.60 -1.91
CA LYS B 337 12.31 -25.99 -0.81
C LYS B 337 13.79 -25.89 -1.19
N LEU B 338 14.12 -26.35 -2.39
CA LEU B 338 15.49 -26.27 -2.90
C LEU B 338 16.00 -24.83 -3.02
N ALA B 339 15.13 -23.92 -3.45
CA ALA B 339 15.50 -22.52 -3.58
C ALA B 339 15.81 -21.89 -2.23
N TYR B 340 14.97 -22.14 -1.22
CA TYR B 340 15.23 -21.69 0.16
C TYR B 340 16.53 -22.28 0.70
N GLN B 341 16.72 -23.58 0.52
CA GLN B 341 17.96 -24.23 0.99
C GLN B 341 19.20 -23.61 0.36
N ALA B 342 19.17 -23.38 -0.95
CA ALA B 342 20.29 -22.77 -1.66
C ALA B 342 20.53 -21.32 -1.20
N GLY B 343 19.45 -20.57 -1.03
CA GLY B 343 19.55 -19.19 -0.54
C GLY B 343 20.13 -19.13 0.87
N ILE B 344 19.60 -19.96 1.74
CA ILE B 344 20.04 -20.00 3.15
C ILE B 344 21.50 -20.45 3.25
N LYS B 345 21.89 -21.46 2.47
CA LYS B 345 23.28 -21.88 2.43
C LYS B 345 24.18 -20.73 1.94
N GLY B 346 23.69 -19.93 1.00
CA GLY B 346 24.39 -18.75 0.56
C GLY B 346 25.54 -19.06 -0.37
N ASN B 347 26.62 -18.27 -0.27
CA ASN B 347 27.78 -18.44 -1.13
C ASN B 347 27.29 -18.46 -2.60
N PHE B 348 27.78 -19.38 -3.44
CA PHE B 348 27.37 -19.42 -4.84
C PHE B 348 26.32 -20.50 -5.10
N TYR B 349 25.68 -21.01 -4.05
CA TYR B 349 24.61 -21.99 -4.25
C TYR B 349 23.42 -21.46 -5.08
N PRO B 350 23.05 -20.16 -4.91
CA PRO B 350 22.06 -19.63 -5.86
C PRO B 350 22.48 -19.65 -7.33
N THR B 351 23.76 -19.39 -7.63
CA THR B 351 24.32 -19.51 -8.99
C THR B 351 24.13 -20.92 -9.54
N VAL B 352 24.41 -21.90 -8.68
CA VAL B 352 24.28 -23.32 -9.02
C VAL B 352 22.80 -23.71 -9.21
N LEU B 353 21.93 -23.25 -8.31
CA LEU B 353 20.48 -23.48 -8.44
C LEU B 353 19.94 -22.98 -9.79
N ASN B 354 20.28 -21.75 -10.14
CA ASN B 354 19.81 -21.15 -11.39
C ASN B 354 20.30 -21.91 -12.63
N ALA B 355 21.58 -22.26 -12.63
CA ALA B 355 22.20 -22.91 -13.77
C ALA B 355 21.65 -24.32 -13.97
N SER B 356 21.57 -25.09 -12.88
CA SER B 356 21.05 -26.45 -12.92
C SER B 356 19.55 -26.45 -13.29
N ASN B 357 18.80 -25.47 -12.80
CA ASN B 357 17.42 -25.28 -13.25
C ASN B 357 17.30 -24.94 -14.73
N GLU B 358 18.19 -24.10 -15.27
CA GLU B 358 18.18 -23.80 -16.70
C GLU B 358 18.20 -25.08 -17.55
N ILE B 359 19.09 -26.00 -17.19
CA ILE B 359 19.19 -27.28 -17.89
C ILE B 359 17.95 -28.16 -17.64
N ALA B 360 17.60 -28.37 -16.37
CA ALA B 360 16.46 -29.23 -16.02
C ALA B 360 15.10 -28.76 -16.61
N ASN B 361 14.85 -27.45 -16.55
CA ASN B 361 13.68 -26.82 -17.18
C ASN B 361 13.64 -27.17 -18.66
N ASN B 362 14.76 -26.98 -19.34
CA ASN B 362 14.83 -27.23 -20.78
C ASN B 362 14.70 -28.72 -21.14
N LEU B 363 15.26 -29.61 -20.32
CA LEU B 363 15.06 -31.06 -20.50
C LEU B 363 13.59 -31.44 -20.40
N PHE B 364 12.90 -30.91 -19.39
CA PHE B 364 11.45 -31.15 -19.24
C PHE B 364 10.62 -30.54 -20.37
N LEU B 365 10.91 -29.29 -20.73
CA LEU B 365 10.27 -28.65 -21.90
C LEU B 365 10.32 -29.52 -23.15
N ASN B 366 11.48 -30.13 -23.39
CA ASN B 366 11.71 -30.96 -24.58
C ASN B 366 11.46 -32.45 -24.36
N ASN B 367 10.72 -32.79 -23.30
CA ASN B 367 10.22 -34.15 -23.05
C ASN B 367 11.29 -35.22 -22.77
N LYS B 368 12.45 -34.82 -22.25
CA LYS B 368 13.54 -35.75 -21.96
C LYS B 368 13.51 -36.31 -20.53
N ILE B 369 12.89 -35.58 -19.60
CA ILE B 369 12.80 -36.00 -18.19
C ILE B 369 11.39 -35.74 -17.68
N LYS B 370 11.07 -36.33 -16.53
CA LYS B 370 9.75 -36.17 -15.89
C LYS B 370 9.75 -35.01 -14.88
N TYR B 371 8.57 -34.64 -14.40
CA TYR B 371 8.39 -33.51 -13.45
C TYR B 371 9.32 -33.57 -12.21
N PHE B 372 9.32 -34.70 -11.50
CA PHE B 372 10.14 -34.85 -10.29
C PHE B 372 11.65 -35.05 -10.57
N ASP B 373 11.99 -35.37 -11.82
CA ASP B 373 13.39 -35.38 -12.25
C ASP B 373 13.97 -33.97 -12.25
N ILE B 374 13.14 -32.94 -12.42
CA ILE B 374 13.63 -31.56 -12.45
C ILE B 374 14.30 -31.23 -11.11
N SER B 375 13.55 -31.41 -10.04
CA SER B 375 14.04 -31.19 -8.67
C SER B 375 15.14 -32.18 -8.27
N SER B 376 15.06 -33.42 -8.78
CA SER B 376 16.10 -34.40 -8.50
C SER B 376 17.48 -33.97 -9.05
N ILE B 377 17.52 -33.51 -10.29
CA ILE B 377 18.76 -33.07 -10.94
C ILE B 377 19.33 -31.86 -10.19
N ILE B 378 18.45 -30.89 -9.90
CA ILE B 378 18.86 -29.66 -9.23
C ILE B 378 19.47 -29.99 -7.87
N SER B 379 18.76 -30.80 -7.09
CA SER B 379 19.22 -31.29 -5.80
C SER B 379 20.62 -31.92 -5.87
N GLN B 380 20.82 -32.81 -6.85
CA GLN B 380 22.11 -33.51 -7.00
C GLN B 380 23.29 -32.58 -7.34
N VAL B 381 23.06 -31.62 -8.24
CA VAL B 381 24.08 -30.65 -8.61
C VAL B 381 24.46 -29.81 -7.39
N LEU B 382 23.47 -29.36 -6.62
CA LEU B 382 23.71 -28.57 -5.41
C LEU B 382 24.59 -29.34 -4.43
N GLU B 383 24.29 -30.63 -4.27
CA GLU B 383 25.10 -31.53 -3.45
C GLU B 383 26.52 -31.76 -3.97
N SER B 384 26.75 -31.57 -5.27
CA SER B 384 28.08 -31.71 -5.87
C SER B 384 28.99 -30.48 -5.75
N PHE B 385 28.43 -29.34 -5.31
CA PHE B 385 29.16 -28.08 -5.30
C PHE B 385 29.79 -27.83 -3.92
N ASN B 386 31.02 -27.33 -3.93
CA ASN B 386 31.74 -26.98 -2.70
C ASN B 386 31.76 -25.45 -2.64
N SER B 387 31.50 -24.90 -1.46
CA SER B 387 31.55 -23.45 -1.30
C SER B 387 32.95 -22.92 -1.64
N GLN B 388 33.00 -21.70 -2.16
CA GLN B 388 34.27 -21.10 -2.58
C GLN B 388 34.44 -19.77 -1.88
N LYS B 389 35.70 -19.39 -1.63
CA LYS B 389 35.98 -18.04 -1.14
C LYS B 389 35.56 -17.02 -2.21
N VAL B 390 34.84 -15.99 -1.78
CA VAL B 390 34.27 -15.00 -2.69
C VAL B 390 35.36 -14.03 -3.11
N SER B 391 35.62 -13.92 -4.39
CA SER B 391 36.62 -12.98 -4.90
C SER B 391 36.33 -11.55 -4.43
N GLU B 392 37.39 -10.84 -4.04
CA GLU B 392 37.27 -9.44 -3.63
C GLU B 392 37.20 -8.51 -4.85
N ASN B 393 37.99 -8.83 -5.87
CA ASN B 393 38.04 -8.06 -7.11
C ASN B 393 36.77 -8.31 -7.95
N SER B 394 36.17 -7.24 -8.49
CA SER B 394 34.89 -7.34 -9.20
C SER B 394 35.02 -8.10 -10.51
N GLU B 395 36.12 -7.91 -11.24
CA GLU B 395 36.36 -8.68 -12.46
C GLU B 395 36.59 -10.17 -12.17
N ASP B 396 37.33 -10.48 -11.10
CA ASP B 396 37.50 -11.86 -10.63
C ASP B 396 36.16 -12.48 -10.20
N LEU B 397 35.34 -11.68 -9.52
CA LEU B 397 34.04 -12.15 -9.03
C LEU B 397 33.12 -12.52 -10.20
N MET B 398 33.07 -11.68 -11.22
CA MET B 398 32.30 -11.97 -12.44
C MET B 398 32.78 -13.28 -13.09
N LYS B 399 34.10 -13.43 -13.24
CA LYS B 399 34.68 -14.66 -13.82
C LYS B 399 34.34 -15.90 -13.01
N GLN B 400 34.41 -15.77 -11.68
CA GLN B 400 34.08 -16.85 -10.75
C GLN B 400 32.60 -17.30 -10.90
N ILE B 401 31.69 -16.33 -10.92
CA ILE B 401 30.26 -16.61 -11.17
C ILE B 401 30.01 -17.32 -12.51
N LEU B 402 30.62 -16.83 -13.58
CA LEU B 402 30.44 -17.42 -14.92
C LEU B 402 31.01 -18.84 -15.01
N GLN B 403 32.14 -19.07 -14.34
CA GLN B 403 32.75 -20.38 -14.34
C GLN B 403 31.87 -21.37 -13.53
N ILE B 404 31.32 -20.92 -12.41
CA ILE B 404 30.42 -21.76 -11.59
C ILE B 404 29.12 -22.07 -12.36
N HIS B 405 28.58 -21.07 -13.06
CA HIS B 405 27.42 -21.25 -13.95
C HIS B 405 27.68 -22.33 -15.03
N SER B 406 28.81 -22.25 -15.73
CA SER B 406 29.17 -23.25 -16.74
C SER B 406 29.33 -24.63 -16.15
N TRP B 407 30.01 -24.70 -15.01
CA TRP B 407 30.23 -25.96 -14.31
C TRP B 407 28.90 -26.64 -13.95
N ALA B 408 27.98 -25.85 -13.41
CA ALA B 408 26.71 -26.36 -12.91
C ALA B 408 25.80 -26.85 -14.05
N LYS B 409 25.82 -26.14 -15.18
CA LYS B 409 25.08 -26.57 -16.38
C LYS B 409 25.65 -27.89 -16.92
N ASP B 410 26.98 -27.95 -17.05
CA ASP B 410 27.67 -29.19 -17.44
C ASP B 410 27.39 -30.35 -16.48
N LYS B 411 27.37 -30.08 -15.18
CA LYS B 411 27.08 -31.11 -14.17
C LYS B 411 25.66 -31.64 -14.31
N ALA B 412 24.69 -30.74 -14.49
CA ALA B 412 23.29 -31.12 -14.69
C ALA B 412 23.14 -32.04 -15.92
N THR B 413 23.78 -31.64 -17.01
CA THR B 413 23.74 -32.40 -18.26
C THR B 413 24.38 -33.78 -18.13
N ASP B 414 25.50 -33.86 -17.41
CA ASP B 414 26.16 -35.13 -17.21
C ASP B 414 25.35 -36.08 -16.33
N ILE B 415 24.68 -35.55 -15.31
CA ILE B 415 23.74 -36.33 -14.47
C ILE B 415 22.58 -36.88 -15.32
N TYR B 416 22.03 -36.04 -16.19
CA TYR B 416 21.03 -36.50 -17.16
C TYR B 416 21.56 -37.64 -18.05
N ASN B 417 22.75 -37.44 -18.62
CA ASN B 417 23.40 -38.45 -19.47
C ASN B 417 23.71 -39.79 -18.77
N LYS B 418 24.02 -39.75 -17.48
CA LYS B 418 24.25 -40.98 -16.69
C LYS B 418 22.96 -41.78 -16.49
N HIS B 419 22.07 -41.28 -15.64
CA HIS B 419 20.77 -41.92 -15.39
C HIS B 419 19.82 -41.50 -16.51
N ASN B 420 20.03 -42.07 -17.70
CA ASN B 420 19.38 -41.59 -18.91
C ASN B 420 17.98 -42.22 -19.08
C1 6JB C . -18.12 -0.45 10.90
C2 6JB C . -16.69 0.13 11.02
C3 6JB C . -16.52 0.95 12.32
C4 6JB C . -15.51 2.04 12.04
O7 6JB C . -19.30 1.23 9.12
O8 6JB C . -17.74 -0.40 8.17
C11 6JB C . -13.58 0.82 13.09
C14 6JB C . -15.61 -2.11 11.87
C15 6JB C . -14.43 -3.07 11.60
C17 6JB C . -12.93 -2.47 13.49
C18 6JB C . -12.10 -2.13 11.27
C19 6JB C . -11.74 -1.97 14.01
C20 6JB C . -10.91 -1.63 11.78
C21 6JB C . -10.73 -1.56 13.16
P5 6JB C . -18.78 -0.18 9.21
O6 6JB C . -19.89 -1.18 9.00
N9 6JB C . -14.20 1.96 12.36
O10 6JB C . -13.35 3.00 11.97
O12 6JB C . -15.92 3.01 11.43
C13 6JB C . -15.60 -0.95 10.84
C16 6JB C . -13.12 -2.54 12.13
O22 6JB C . -11.52 -1.89 15.36
C23 6JB C . -12.55 -2.08 16.36
MN MN D . -14.36 4.15 10.42
C1 GOL E . -14.38 -2.46 6.71
O1 GOL E . -14.35 -3.45 5.67
C2 GOL E . -13.00 -1.86 6.88
O2 GOL E . -12.09 -2.90 7.22
C3 GOL E . -13.08 -0.76 7.94
O3 GOL E . -11.75 -0.31 8.31
C1 EDO F . -19.34 22.93 6.90
O1 EDO F . -18.07 22.82 7.50
C2 EDO F . -19.61 21.68 6.07
O2 EDO F . -21.01 21.38 6.08
C1 EDO G . -9.54 13.23 -6.84
O1 EDO G . -10.96 13.32 -7.02
C2 EDO G . -8.84 13.63 -8.14
O2 EDO G . -8.98 12.56 -9.08
C1 EDO H . -14.46 0.01 -11.38
O1 EDO H . -14.27 1.23 -12.07
C2 EDO H . -14.79 0.30 -9.92
O2 EDO H . -16.21 0.41 -9.75
C1 EDO I . -24.15 7.59 -5.09
O1 EDO I . -25.48 8.07 -5.33
C2 EDO I . -23.17 8.39 -5.94
O2 EDO I . -23.52 9.79 -5.99
C1 EDO J . -8.56 33.35 18.03
O1 EDO J . -8.39 34.75 17.72
C2 EDO J . -10.03 33.06 18.29
O2 EDO J . -10.85 33.49 17.19
C1 EDO K . -6.80 -11.96 16.35
O1 EDO K . -6.17 -10.70 16.08
C2 EDO K . -7.71 -12.35 15.19
O2 EDO K . -7.24 -13.58 14.61
C1 EDO L . -30.90 18.59 -1.00
O1 EDO L . -32.03 17.97 -0.37
C2 EDO L . -29.80 17.55 -1.17
O2 EDO L . -29.46 16.95 0.09
C1 EDO M . 2.07 7.44 -5.58
O1 EDO M . 2.18 6.48 -4.56
C2 EDO M . 2.43 8.86 -5.23
O2 EDO M . 2.97 9.38 -6.46
C1 6JB N . 3.55 -16.74 -12.51
C2 6JB N . 3.87 -15.25 -12.42
C3 6JB N . 4.75 -14.79 -13.62
C4 6JB N . 5.65 -13.67 -13.11
O7 6JB N . 3.29 -16.68 -9.80
O8 6JB N . 5.21 -17.93 -10.73
C11 6JB N . 4.20 -11.84 -14.01
C14 6JB N . 1.55 -14.46 -13.38
C15 6JB N . 0.38 -13.50 -13.13
C17 6JB N . 0.92 -11.76 -14.84
C18 6JB N . 0.86 -11.08 -12.55
C19 6JB N . 1.25 -10.46 -15.23
C20 6JB N . 1.19 -9.79 -12.93
C21 6JB N . 1.38 -9.48 -14.27
P5 6JB N . 3.76 -17.57 -10.91
O6 6JB N . 2.92 -18.81 -10.93
N9 6JB N . 5.37 -12.36 -13.26
O10 6JB N . 6.24 -11.43 -12.69
O12 6JB N . 6.63 -14.04 -12.50
C13 6JB N . 2.59 -14.37 -12.25
C16 6JB N . 0.73 -12.07 -13.52
O22 6JB N . 1.44 -10.13 -16.53
C23 6JB N . 1.08 -10.99 -17.63
MN MN O . 7.37 -12.50 -11.16
C1 GOL P . 0.48 -13.78 -8.30
O1 GOL P . -0.54 -13.96 -7.31
C2 GOL P . 0.91 -12.34 -8.23
O2 GOL P . -0.21 -11.54 -8.59
C3 GOL P . 2.10 -12.13 -9.14
O3 GOL P . 2.39 -10.72 -9.30
C1 EDO Q . 24.55 -15.62 -5.85
O1 EDO Q . 25.00 -16.98 -5.91
C2 EDO Q . 25.77 -14.77 -5.61
O2 EDO Q . 26.11 -14.07 -6.82
C1 EDO R . -1.18 17.44 -24.51
O1 EDO R . -2.61 17.35 -24.42
C2 EDO R . -0.62 16.27 -25.30
O2 EDO R . -1.39 15.08 -25.11
C1 EDO S . 13.42 -8.87 7.37
O1 EDO S . 14.45 -9.87 7.35
C2 EDO S . 13.38 -8.25 8.76
O2 EDO S . 14.51 -7.39 8.89
C1 EDO T . 7.92 -21.97 2.43
O1 EDO T . 7.19 -22.63 3.47
C2 EDO T . 6.97 -21.11 1.62
O2 EDO T . 6.65 -19.89 2.32
C1 EDO U . 33.66 3.30 -1.78
O1 EDO U . 32.61 3.00 -0.86
C2 EDO U . 34.10 2.02 -2.51
O2 EDO U . 34.01 2.20 -3.92
C1 EDO V . 6.28 -2.60 -31.09
O1 EDO V . 6.05 -4.02 -31.02
C2 EDO V . 5.12 -1.84 -30.49
O2 EDO V . 4.77 -2.31 -29.18
C1 EDO W . 22.99 -28.26 -0.78
O1 EDO W . 24.11 -28.15 0.12
C2 EDO W . 21.81 -27.48 -0.21
O2 EDO W . 21.39 -26.46 -1.12
C1 EDO X . 3.06 3.55 1.14
O1 EDO X . 4.30 4.05 1.68
C2 EDO X . 3.18 3.47 -0.37
O2 EDO X . 3.49 4.79 -0.89
C1 EDO Y . 0.05 -37.90 -19.32
O1 EDO Y . 1.49 -37.89 -19.40
C2 EDO Y . -0.53 -36.70 -20.06
O2 EDO Y . -0.72 -35.63 -19.13
C1 EDO Z . 33.25 -26.04 -9.38
O1 EDO Z . 34.41 -26.69 -9.92
C2 EDO Z . 32.98 -24.82 -10.25
O2 EDO Z . 33.91 -23.78 -9.96
#